data_3LB6
#
_entry.id   3LB6
#
_cell.length_a   73.370
_cell.length_b   86.570
_cell.length_c   166.788
_cell.angle_alpha   90.00
_cell.angle_beta   96.77
_cell.angle_gamma   90.00
#
_symmetry.space_group_name_H-M   'I 1 2 1'
#
loop_
_entity.id
_entity.type
_entity.pdbx_description
1 polymer Interleukin-13
2 polymer 'Interleukin-13 receptor subunit alpha-2'
3 polymer Interleukin-13
4 polymer 'Interleukin-13 receptor subunit alpha-2'
5 non-polymer 2-acetamido-2-deoxy-beta-D-glucopyranose
6 non-polymer 'CALCIUM ION'
7 water water
#
loop_
_entity_poly.entity_id
_entity_poly.type
_entity_poly.pdbx_seq_one_letter_code
_entity_poly.pdbx_strand_id
1 'polypeptide(L)'
;MALLLTTVIALTCLGGFASPGPVPPSTALRELIEELVNITQNQKAPLCNGSMVWSINLTAGMYCAALESLINVSGCSAIE
KTQRMLSGFCPHKVSAGQFSSLHVRDTKIEVAQFVKDLLLHLKKLFREGRFN
;
A
2 'polypeptide(L)'
;MAFVCLAVGCLYTFLISTTFGCTSSSDTEIKVNPPQDFEIVDPGYLGYLYLQWQPPLSLDHFKECTVEYELKYRNIGSET
WKTIITKNLHYKDGFDLNKGIEA(MLY)IHTLLPWQCTNGSEVQSSWAETTYWISPQGIPET(MLY)VQDMDCVYYNWQY
LLCSWKPGIGVLLDTNYNLFYWYEGLDHALQCVDYIKADGQNIGCRFPYLEASDYKDFYICVNGSSENKPIRSSYFTFQL
QNIVKPLPPVYLTFTRESSCEIKLKWSIPLGPIPARCFDYEIEIREDDTTLVTATVENETYTLKTTNETRQLCFVVRSKV
NIYCSDDGIWSEWSDKQCWEGEDLSKKTLLRFWLPFGFILILVIFVTGLLLRKPNTYPKMIPEFFCDT
;
C
3 'polypeptide(L)'
;MALLLTTVIALTCLGGFASPGPVPPSTALRELIEELVNITQNQKAPLCNGSMVWSINLTAGMYCAALESLINVSGCSAIE
KTQRMLSGFCPHKVSAGQFSSLHVRDT(MLY)IEVAQFVKDLLLHLKKLFREGRFN
;
B
4 'polypeptide(L)'
;MAFVCLAVGCLYTFLISTTFGCTSSSDTEIKVNPPQDFEIVDPGYLGYLYLQWQPPLSLDHFKECTVEYELKYRNIGSET
W(MLY)TIITKNLHYKDGFDLN(MLY)GIEAKIHTLLPWQCTNGSEVQSSWAETTYWISPQGIPETKVQDMDCVYYNWQY
LLCSWKPGIGVLLDTNYNLFYWYEGLDHALQCVDYIKADGQNIGCRFPYLEASDYKDFYICVNGSSENKPIRSSYFTFQL
QNIVKPLPPVYLTFTRESSCEIKLKWSIPLGPIPARCFDYEIEIREDDTTLVTATVENETYTLKTTNETRQLCFVVRSKV
NIYCSDDGIWSEWSDKQCWEGEDLSKKTLLRFWLPFGFILILVIFVTGLLLRKPNTYPKMIPEFFCDT
;
D
#
loop_
_chem_comp.id
_chem_comp.type
_chem_comp.name
_chem_comp.formula
CA non-polymer 'CALCIUM ION' 'Ca 2'
NAG D-saccharide, beta linking 2-acetamido-2-deoxy-beta-D-glucopyranose 'C8 H15 N O6'
#
# COMPACT_ATOMS: atom_id res chain seq x y z
N PRO A 24 -26.42 7.94 -24.06
CA PRO A 24 -25.47 8.70 -23.24
C PRO A 24 -24.26 7.85 -22.86
N PRO A 25 -23.32 8.43 -22.09
CA PRO A 25 -22.11 7.72 -21.64
C PRO A 25 -22.26 7.16 -20.23
N SER A 26 -23.16 7.77 -19.46
CA SER A 26 -23.32 7.43 -18.06
C SER A 26 -24.39 6.37 -17.86
N THR A 27 -25.02 5.97 -18.96
CA THR A 27 -26.12 5.00 -18.86
C THR A 27 -25.67 3.69 -18.21
N ALA A 28 -24.47 3.23 -18.55
CA ALA A 28 -23.95 1.98 -17.97
C ALA A 28 -23.94 2.08 -16.46
N LEU A 29 -23.33 3.15 -15.97
CA LEU A 29 -23.24 3.42 -14.56
C LEU A 29 -24.63 3.64 -13.97
N ARG A 30 -25.45 4.42 -14.66
CA ARG A 30 -26.78 4.72 -14.16
C ARG A 30 -27.51 3.43 -13.76
N GLU A 31 -27.48 2.43 -14.63
CA GLU A 31 -28.33 1.26 -14.42
C GLU A 31 -27.71 0.24 -13.48
N LEU A 32 -26.39 0.08 -13.53
CA LEU A 32 -25.70 -0.69 -12.50
C LEU A 32 -26.00 -0.16 -11.10
N ILE A 33 -25.93 1.14 -10.89
CA ILE A 33 -26.27 1.70 -9.59
C ILE A 33 -27.70 1.33 -9.19
N GLU A 34 -28.65 1.45 -10.10
CA GLU A 34 -30.04 1.13 -9.82
C GLU A 34 -30.16 -0.29 -9.29
N GLU A 35 -29.47 -1.20 -9.96
CA GLU A 35 -29.42 -2.61 -9.59
C GLU A 35 -28.92 -2.80 -8.16
N LEU A 36 -27.72 -2.29 -7.87
CA LEU A 36 -27.18 -2.37 -6.51
C LEU A 36 -28.11 -1.75 -5.48
N VAL A 37 -28.78 -0.66 -5.83
CA VAL A 37 -29.79 -0.07 -4.94
C VAL A 37 -30.95 -1.02 -4.74
N ASN A 38 -31.28 -1.77 -5.78
CA ASN A 38 -32.36 -2.74 -5.67
C ASN A 38 -32.04 -3.88 -4.71
N ILE A 39 -31.03 -4.67 -5.04
CA ILE A 39 -30.64 -5.78 -4.18
C ILE A 39 -30.05 -5.34 -2.84
N THR A 40 -30.22 -4.08 -2.49
CA THR A 40 -29.71 -3.56 -1.23
C THR A 40 -30.83 -2.98 -0.39
N GLN A 41 -32.00 -2.83 -0.99
CA GLN A 41 -33.17 -2.46 -0.23
C GLN A 41 -34.06 -3.69 -0.29
N ASN A 42 -33.88 -4.47 -1.35
CA ASN A 42 -34.69 -5.66 -1.60
C ASN A 42 -34.01 -6.96 -1.16
N GLN A 43 -33.28 -6.90 -0.05
CA GLN A 43 -32.71 -8.09 0.55
C GLN A 43 -33.44 -8.38 1.86
N LYS A 44 -34.47 -9.19 1.79
CA LYS A 44 -35.22 -9.58 2.98
C LYS A 44 -34.31 -10.37 3.91
N ALA A 45 -33.81 -11.50 3.43
CA ALA A 45 -32.84 -12.29 4.18
C ALA A 45 -31.44 -11.95 3.71
N PRO A 46 -30.43 -12.19 4.57
CA PRO A 46 -29.04 -11.85 4.31
C PRO A 46 -28.64 -12.14 2.88
N LEU A 47 -28.03 -11.18 2.21
CA LEU A 47 -27.74 -11.29 0.78
C LEU A 47 -26.69 -12.35 0.50
N CYS A 48 -27.03 -13.27 -0.41
CA CYS A 48 -26.13 -14.36 -0.80
C CYS A 48 -25.76 -15.27 0.35
N ASN A 49 -26.76 -15.61 1.16
CA ASN A 49 -26.61 -16.51 2.31
C ASN A 49 -25.44 -16.10 3.20
N GLY A 50 -25.15 -14.81 3.26
CA GLY A 50 -24.12 -14.34 4.14
C GLY A 50 -22.76 -14.82 3.70
N SER A 51 -22.65 -15.18 2.44
CA SER A 51 -21.36 -15.58 1.91
C SER A 51 -20.32 -14.47 2.06
N MET A 52 -19.05 -14.82 2.15
CA MET A 52 -17.99 -13.82 2.27
C MET A 52 -17.23 -13.72 0.96
N VAL A 53 -16.72 -12.53 0.65
CA VAL A 53 -15.94 -12.31 -0.57
C VAL A 53 -14.74 -11.43 -0.28
N TRP A 54 -13.68 -11.59 -1.07
CA TRP A 54 -12.52 -10.72 -0.94
C TRP A 54 -12.88 -9.24 -1.07
N SER A 55 -12.36 -8.42 -0.17
CA SER A 55 -12.58 -6.98 -0.26
C SER A 55 -11.58 -6.41 -1.24
N ILE A 56 -12.01 -5.38 -1.97
CA ILE A 56 -11.19 -4.77 -3.01
C ILE A 56 -10.84 -3.39 -2.49
N ASN A 57 -9.69 -2.91 -2.92
CA ASN A 57 -9.28 -1.53 -2.78
C ASN A 57 -10.16 -0.74 -3.70
N LEU A 58 -11.01 0.09 -3.15
CA LEU A 58 -11.91 0.86 -4.02
C LEU A 58 -11.24 2.08 -4.74
N THR A 59 -10.49 1.81 -5.81
CA THR A 59 -9.76 2.78 -6.61
C THR A 59 -9.58 2.27 -8.02
N ALA A 60 -8.54 2.75 -8.71
CA ALA A 60 -8.48 2.50 -10.16
C ALA A 60 -8.20 1.02 -10.46
N GLY A 61 -8.87 0.55 -11.51
CA GLY A 61 -8.87 -0.85 -11.90
C GLY A 61 -9.57 -1.73 -10.88
N MET A 62 -10.79 -1.34 -10.53
CA MET A 62 -11.60 -1.92 -9.48
C MET A 62 -12.89 -2.57 -9.95
N TYR A 63 -13.25 -2.24 -11.16
CA TYR A 63 -14.39 -2.82 -11.84
C TYR A 63 -14.04 -4.30 -11.96
N CYS A 64 -12.79 -4.55 -12.36
CA CYS A 64 -12.30 -5.91 -12.49
C CYS A 64 -12.06 -6.57 -11.15
N ALA A 65 -11.51 -5.81 -10.21
CA ALA A 65 -11.34 -6.30 -8.84
C ALA A 65 -12.69 -6.71 -8.27
N ALA A 66 -13.72 -5.90 -8.53
CA ALA A 66 -15.07 -6.18 -8.05
C ALA A 66 -15.67 -7.46 -8.62
N LEU A 67 -15.35 -7.78 -9.87
CA LEU A 67 -15.92 -8.93 -10.55
C LEU A 67 -15.11 -10.17 -10.19
N GLU A 68 -13.81 -9.97 -10.04
CA GLU A 68 -12.91 -11.05 -9.66
C GLU A 68 -13.24 -11.53 -8.27
N SER A 69 -13.88 -10.66 -7.51
CA SER A 69 -14.25 -10.97 -6.16
C SER A 69 -15.57 -11.73 -6.09
N LEU A 70 -16.60 -11.11 -6.66
CA LEU A 70 -17.94 -11.68 -6.61
C LEU A 70 -18.12 -12.91 -7.47
N ILE A 71 -17.26 -13.02 -8.48
CA ILE A 71 -17.40 -14.09 -9.47
C ILE A 71 -17.43 -15.41 -8.70
N ASN A 72 -16.83 -15.39 -7.52
CA ASN A 72 -16.70 -16.60 -6.69
C ASN A 72 -17.99 -17.02 -6.00
N VAL A 73 -18.98 -16.14 -5.97
CA VAL A 73 -20.27 -16.49 -5.39
C VAL A 73 -21.20 -17.15 -6.41
N SER A 74 -21.05 -18.47 -6.50
CA SER A 74 -21.85 -19.31 -7.37
C SER A 74 -23.05 -19.83 -6.62
N GLY A 75 -24.24 -19.69 -7.20
CA GLY A 75 -25.43 -20.19 -6.56
C GLY A 75 -26.29 -19.05 -6.02
N CYS A 76 -25.82 -17.84 -6.21
CA CYS A 76 -26.59 -16.70 -5.82
C CYS A 76 -27.11 -15.99 -7.06
N SER A 77 -28.42 -16.02 -7.26
CA SER A 77 -28.97 -15.37 -8.44
C SER A 77 -29.14 -13.88 -8.18
N ALA A 78 -29.45 -13.53 -6.94
CA ALA A 78 -29.64 -12.15 -6.54
C ALA A 78 -28.53 -11.26 -7.07
N ILE A 79 -27.38 -11.86 -7.34
CA ILE A 79 -26.23 -11.10 -7.86
C ILE A 79 -25.84 -11.39 -9.31
N GLU A 80 -26.63 -12.24 -9.98
CA GLU A 80 -26.43 -12.50 -11.40
C GLU A 80 -26.33 -11.23 -12.22
N LYS A 81 -27.38 -10.43 -12.26
CA LYS A 81 -27.31 -9.21 -13.02
C LYS A 81 -26.06 -8.47 -12.68
N THR A 82 -25.96 -8.00 -11.47
CA THR A 82 -24.77 -7.28 -11.04
C THR A 82 -23.48 -7.76 -11.71
N GLN A 83 -23.27 -9.07 -11.73
CA GLN A 83 -22.02 -9.63 -12.25
C GLN A 83 -21.96 -9.49 -13.77
N ARG A 84 -23.09 -9.68 -14.41
CA ARG A 84 -23.18 -9.50 -15.86
C ARG A 84 -22.81 -8.05 -16.15
N MET A 85 -23.54 -7.12 -15.55
CA MET A 85 -23.23 -5.71 -15.72
C MET A 85 -21.75 -5.43 -15.52
N LEU A 86 -21.16 -6.00 -14.49
CA LEU A 86 -19.74 -5.75 -14.27
C LEU A 86 -18.86 -6.19 -15.45
N SER A 87 -19.21 -7.30 -16.08
CA SER A 87 -18.35 -7.89 -17.10
C SER A 87 -18.07 -6.95 -18.26
N GLY A 88 -19.00 -6.03 -18.50
CA GLY A 88 -18.90 -5.11 -19.61
C GLY A 88 -18.09 -3.87 -19.28
N PHE A 89 -17.90 -3.65 -17.99
CA PHE A 89 -17.07 -2.56 -17.48
C PHE A 89 -15.63 -3.00 -17.46
N CYS A 90 -15.46 -4.31 -17.46
CA CYS A 90 -14.13 -4.88 -17.39
C CYS A 90 -13.68 -5.35 -18.76
N PRO A 91 -12.65 -4.68 -19.30
CA PRO A 91 -12.08 -4.93 -20.63
C PRO A 91 -12.03 -6.42 -20.94
N HIS A 92 -11.41 -7.15 -20.02
CA HIS A 92 -11.16 -8.56 -20.19
C HIS A 92 -12.23 -9.40 -19.48
N LYS A 93 -12.33 -10.66 -19.90
CA LYS A 93 -13.17 -11.64 -19.21
C LYS A 93 -12.57 -12.10 -17.90
N VAL A 94 -13.42 -12.28 -16.90
CA VAL A 94 -13.00 -12.84 -15.63
C VAL A 94 -13.52 -14.17 -15.13
N SER A 95 -12.61 -15.07 -14.78
CA SER A 95 -12.98 -16.40 -14.32
C SER A 95 -12.83 -16.60 -12.83
N ALA A 96 -13.65 -17.46 -12.22
CA ALA A 96 -13.61 -17.65 -10.77
C ALA A 96 -12.23 -18.17 -10.43
N GLY A 97 -11.68 -17.66 -9.33
CA GLY A 97 -10.37 -18.11 -8.88
C GLY A 97 -9.26 -17.36 -9.58
N GLN A 98 -9.64 -16.38 -10.38
CA GLN A 98 -8.69 -15.58 -11.13
C GLN A 98 -8.59 -14.22 -10.47
N PHE A 99 -7.36 -13.76 -10.27
CA PHE A 99 -7.12 -12.50 -9.54
C PHE A 99 -5.99 -11.67 -10.15
N SER A 100 -6.27 -10.96 -11.24
CA SER A 100 -5.31 -10.02 -11.79
C SER A 100 -5.46 -8.67 -11.09
N SER A 101 -6.62 -8.05 -11.25
CA SER A 101 -6.90 -6.72 -10.68
C SER A 101 -6.95 -6.71 -9.15
N LEU A 102 -7.36 -7.82 -8.55
CA LEU A 102 -7.52 -7.91 -7.11
C LEU A 102 -6.18 -8.21 -6.45
N HIS A 103 -5.50 -7.15 -6.02
CA HIS A 103 -4.18 -7.30 -5.41
C HIS A 103 -4.36 -7.45 -3.91
N VAL A 104 -5.17 -6.56 -3.34
CA VAL A 104 -5.54 -6.65 -1.93
C VAL A 104 -6.45 -7.84 -1.67
N ARG A 105 -5.85 -8.97 -1.29
CA ARG A 105 -6.61 -10.19 -1.04
C ARG A 105 -6.12 -10.74 0.28
N ASP A 106 -6.43 -10.00 1.34
CA ASP A 106 -6.06 -10.42 2.68
C ASP A 106 -7.22 -10.26 3.63
N THR A 107 -8.38 -9.90 3.10
CA THR A 107 -9.60 -9.83 3.90
C THR A 107 -10.90 -10.10 3.13
N LYS A 108 -11.78 -10.91 3.69
CA LYS A 108 -13.09 -11.14 3.11
C LYS A 108 -14.14 -10.57 4.02
N ILE A 109 -15.19 -10.05 3.43
CA ILE A 109 -16.28 -9.37 4.14
C ILE A 109 -17.59 -9.98 3.64
N GLU A 110 -18.68 -9.84 4.37
CA GLU A 110 -19.93 -10.41 3.86
C GLU A 110 -20.35 -9.72 2.56
N VAL A 111 -21.01 -10.44 1.68
CA VAL A 111 -21.42 -9.88 0.39
C VAL A 111 -22.28 -8.60 0.50
N ALA A 112 -23.22 -8.60 1.44
CA ALA A 112 -24.11 -7.45 1.60
C ALA A 112 -23.38 -6.17 1.99
N GLN A 113 -22.20 -6.32 2.60
CA GLN A 113 -21.35 -5.16 2.93
C GLN A 113 -20.55 -4.79 1.70
N PHE A 114 -20.15 -5.81 0.95
CA PHE A 114 -19.37 -5.60 -0.26
C PHE A 114 -20.16 -4.76 -1.25
N VAL A 115 -21.45 -5.07 -1.41
CA VAL A 115 -22.26 -4.29 -2.36
C VAL A 115 -22.61 -2.90 -1.84
N LYS A 116 -22.78 -2.75 -0.54
CA LYS A 116 -23.01 -1.43 0.04
C LYS A 116 -21.78 -0.56 -0.17
N ASP A 117 -20.61 -1.16 0.06
CA ASP A 117 -19.35 -0.46 -0.13
C ASP A 117 -19.17 -0.20 -1.60
N LEU A 118 -19.33 -1.22 -2.42
CA LEU A 118 -19.26 -1.01 -3.86
C LEU A 118 -20.25 0.07 -4.24
N LEU A 119 -21.54 -0.20 -4.00
CA LEU A 119 -22.57 0.75 -4.39
C LEU A 119 -22.16 2.16 -4.09
N LEU A 120 -21.80 2.43 -2.83
CA LEU A 120 -21.37 3.76 -2.42
C LEU A 120 -20.28 4.31 -3.34
N HIS A 121 -19.21 3.56 -3.52
CA HIS A 121 -18.10 4.02 -4.35
C HIS A 121 -18.56 4.38 -5.76
N LEU A 122 -19.54 3.65 -6.27
CA LEU A 122 -20.07 3.95 -7.59
C LEU A 122 -20.72 5.33 -7.59
N LYS A 123 -21.67 5.54 -6.70
CA LYS A 123 -22.31 6.83 -6.59
C LYS A 123 -21.29 7.97 -6.62
N LYS A 124 -20.14 7.73 -5.99
CA LYS A 124 -19.05 8.69 -5.93
C LYS A 124 -18.51 8.97 -7.32
N LEU A 125 -18.30 7.91 -8.09
CA LEU A 125 -17.74 8.06 -9.41
C LEU A 125 -18.75 8.77 -10.28
N PHE A 126 -20.02 8.45 -10.09
CA PHE A 126 -21.06 9.13 -10.83
C PHE A 126 -21.05 10.63 -10.56
N ARG A 127 -21.16 11.02 -9.29
CA ARG A 127 -21.01 12.41 -8.89
C ARG A 127 -19.77 13.07 -9.49
N GLU A 128 -18.67 12.33 -9.54
CA GLU A 128 -17.42 12.84 -10.11
C GLU A 128 -17.42 12.74 -11.63
N GLY A 129 -18.56 12.41 -12.22
CA GLY A 129 -18.63 12.26 -13.66
C GLY A 129 -17.58 11.32 -14.24
N ARG A 130 -17.45 10.15 -13.65
CA ARG A 130 -16.49 9.16 -14.13
C ARG A 130 -17.27 7.89 -14.45
N PHE A 131 -17.25 7.46 -15.71
CA PHE A 131 -18.19 6.45 -16.16
C PHE A 131 -17.55 5.16 -16.74
N ASN A 132 -16.31 4.87 -16.33
CA ASN A 132 -15.61 3.65 -16.76
C ASN A 132 -14.16 3.52 -16.24
N LYS B 31 -6.08 -28.96 17.47
CA LYS B 31 -6.51 -27.77 18.20
C LYS B 31 -5.58 -26.59 17.95
N VAL B 32 -6.08 -25.37 18.18
CA VAL B 32 -5.25 -24.17 18.14
C VAL B 32 -5.69 -23.20 19.23
N ASN B 33 -4.78 -22.30 19.59
CA ASN B 33 -5.10 -21.27 20.57
C ASN B 33 -5.64 -20.00 19.93
N PRO B 34 -6.42 -19.21 20.69
CA PRO B 34 -6.97 -17.96 20.18
C PRO B 34 -5.86 -16.92 20.06
N PRO B 35 -6.12 -15.85 19.29
CA PRO B 35 -5.12 -14.79 19.11
C PRO B 35 -4.77 -14.24 20.49
N GLN B 36 -3.64 -13.55 20.58
CA GLN B 36 -3.23 -12.94 21.84
C GLN B 36 -3.49 -11.45 21.81
N ASP B 37 -3.48 -10.82 22.98
CA ASP B 37 -3.51 -9.38 23.06
C ASP B 37 -4.68 -8.78 22.31
N PHE B 38 -5.77 -9.53 22.20
CA PHE B 38 -6.97 -9.00 21.56
C PHE B 38 -7.35 -7.69 22.23
N GLU B 39 -7.26 -6.58 21.49
CA GLU B 39 -7.62 -5.28 22.03
C GLU B 39 -8.31 -4.34 21.06
N ILE B 40 -9.21 -3.50 21.55
CA ILE B 40 -9.80 -2.46 20.73
C ILE B 40 -9.07 -1.18 21.06
N VAL B 41 -8.51 -0.53 20.05
CA VAL B 41 -7.75 0.69 20.26
C VAL B 41 -8.48 1.93 19.73
N ASP B 42 -8.42 3.01 20.50
CA ASP B 42 -9.01 4.27 20.05
C ASP B 42 -7.90 5.20 19.63
N PRO B 43 -7.78 5.46 18.33
CA PRO B 43 -6.78 6.46 17.92
C PRO B 43 -7.24 7.85 18.37
N GLY B 44 -8.51 7.94 18.79
CA GLY B 44 -9.11 9.19 19.20
C GLY B 44 -9.69 9.95 18.02
N TYR B 45 -10.09 9.21 16.99
CA TYR B 45 -10.65 9.83 15.79
C TYR B 45 -12.16 10.04 15.90
N LEU B 46 -12.68 9.92 17.11
CA LEU B 46 -14.08 10.25 17.39
C LEU B 46 -15.07 9.16 17.00
N GLY B 47 -14.60 7.92 16.86
CA GLY B 47 -15.46 6.81 16.48
C GLY B 47 -14.78 5.81 15.57
N TYR B 48 -13.65 6.21 14.98
CA TYR B 48 -12.92 5.29 14.13
C TYR B 48 -11.96 4.49 15.01
N LEU B 49 -12.15 3.18 15.05
CA LEU B 49 -11.47 2.33 16.02
C LEU B 49 -10.66 1.23 15.37
N TYR B 50 -9.57 0.84 16.02
CA TYR B 50 -8.77 -0.28 15.55
C TYR B 50 -9.05 -1.47 16.46
N LEU B 51 -9.10 -2.66 15.90
CA LEU B 51 -9.07 -3.86 16.72
C LEU B 51 -7.77 -4.56 16.42
N GLN B 52 -7.05 -5.00 17.44
CA GLN B 52 -5.75 -5.62 17.19
C GLN B 52 -5.52 -6.91 17.96
N TRP B 53 -4.63 -7.75 17.45
CA TRP B 53 -4.31 -9.00 18.10
C TRP B 53 -2.97 -9.50 17.62
N GLN B 54 -2.38 -10.40 18.40
CA GLN B 54 -1.15 -11.05 17.99
C GLN B 54 -1.42 -12.51 17.62
N PRO B 55 -0.58 -13.08 16.78
CA PRO B 55 -0.82 -14.47 16.38
C PRO B 55 -0.94 -15.34 17.61
N PRO B 56 -1.65 -16.48 17.50
CA PRO B 56 -1.78 -17.43 18.61
C PRO B 56 -0.47 -18.20 18.76
N LEU B 57 -0.47 -19.32 19.47
CA LEU B 57 0.76 -20.06 19.71
C LEU B 57 0.71 -21.49 19.14
N SER B 58 1.82 -21.90 18.52
CA SER B 58 1.89 -23.14 17.74
C SER B 58 1.39 -22.96 16.29
N CYS B 65 1.65 -22.88 5.54
CA CYS B 65 0.34 -22.55 4.99
C CYS B 65 0.08 -21.12 5.40
N THR B 66 -1.18 -20.80 5.66
CA THR B 66 -1.56 -19.44 6.04
C THR B 66 -2.69 -19.46 7.03
N VAL B 67 -2.63 -18.56 8.01
CA VAL B 67 -3.62 -18.56 9.07
C VAL B 67 -4.66 -17.46 8.96
N GLU B 68 -5.90 -17.81 9.31
CA GLU B 68 -7.04 -16.92 9.24
C GLU B 68 -7.58 -16.52 10.59
N TYR B 69 -8.23 -15.37 10.66
CA TYR B 69 -8.89 -14.95 11.90
C TYR B 69 -10.30 -14.55 11.55
N GLU B 70 -11.26 -15.05 12.31
CA GLU B 70 -12.63 -14.62 12.12
C GLU B 70 -12.96 -13.65 13.23
N LEU B 71 -13.26 -12.43 12.85
CA LEU B 71 -13.58 -11.39 13.80
C LEU B 71 -15.06 -11.03 13.69
N LYS B 72 -15.78 -11.10 14.80
CA LYS B 72 -17.13 -10.56 14.85
C LYS B 72 -17.11 -9.38 15.80
N TYR B 73 -18.01 -8.43 15.56
CA TYR B 73 -18.08 -7.25 16.41
C TYR B 73 -19.36 -6.50 16.15
N ARG B 74 -19.69 -5.59 17.05
CA ARG B 74 -20.90 -4.80 16.94
C ARG B 74 -20.93 -3.81 18.08
N ASN B 75 -21.81 -2.82 17.96
CA ASN B 75 -22.09 -1.93 19.06
C ASN B 75 -23.09 -2.63 19.94
N ILE B 76 -22.87 -2.60 21.24
CA ILE B 76 -23.79 -3.22 22.17
C ILE B 76 -25.16 -2.59 22.02
N GLY B 77 -26.15 -3.41 21.70
CA GLY B 77 -27.48 -2.88 21.46
C GLY B 77 -27.93 -3.31 20.09
N SER B 78 -26.96 -3.63 19.25
CA SER B 78 -27.23 -4.21 17.95
C SER B 78 -27.44 -5.72 18.10
N GLU B 79 -28.44 -6.24 17.41
CA GLU B 79 -28.77 -7.65 17.49
C GLU B 79 -27.99 -8.46 16.46
N THR B 80 -27.30 -7.78 15.56
CA THR B 80 -26.52 -8.47 14.53
C THR B 80 -25.04 -8.22 14.70
N TRP B 81 -24.24 -9.22 14.36
CA TRP B 81 -22.78 -9.10 14.43
C TRP B 81 -22.14 -8.84 13.08
N LYS B 82 -21.33 -7.79 13.00
CA LYS B 82 -20.56 -7.53 11.79
C LYS B 82 -19.44 -8.57 11.65
N THR B 83 -19.34 -9.25 10.52
CA THR B 83 -18.36 -10.33 10.40
C THR B 83 -17.30 -10.11 9.33
N ILE B 84 -16.07 -10.56 9.61
CA ILE B 84 -15.02 -10.53 8.63
C ILE B 84 -13.90 -11.52 8.91
N ILE B 85 -13.29 -12.03 7.86
CA ILE B 85 -12.18 -12.95 8.03
C ILE B 85 -10.95 -12.33 7.41
N THR B 86 -9.83 -12.36 8.13
CA THR B 86 -8.60 -11.72 7.65
C THR B 86 -7.35 -12.55 7.94
N LYS B 87 -6.28 -12.29 7.20
CA LYS B 87 -5.02 -12.93 7.52
C LYS B 87 -4.15 -11.92 8.22
N ASN B 88 -4.63 -10.69 8.31
CA ASN B 88 -3.93 -9.60 8.97
C ASN B 88 -4.03 -9.70 10.47
N LEU B 89 -3.32 -8.83 11.18
CA LEU B 89 -3.41 -8.80 12.64
C LEU B 89 -4.11 -7.55 13.12
N HIS B 90 -5.07 -7.07 12.34
CA HIS B 90 -5.83 -5.88 12.74
C HIS B 90 -6.96 -5.55 11.75
N TYR B 91 -7.99 -4.87 12.26
CA TYR B 91 -9.10 -4.44 11.43
C TYR B 91 -9.59 -3.12 12.00
N LYS B 92 -10.32 -2.35 11.20
CA LYS B 92 -10.69 -1.00 11.60
C LYS B 92 -12.08 -0.69 11.09
N ASP B 93 -12.82 0.17 11.80
CA ASP B 93 -14.19 0.49 11.41
C ASP B 93 -14.80 1.60 12.26
N GLY B 94 -15.91 2.15 11.80
CA GLY B 94 -16.57 3.22 12.51
C GLY B 94 -17.61 2.70 13.47
N PHE B 95 -17.57 3.18 14.71
CA PHE B 95 -18.50 2.76 15.75
C PHE B 95 -19.24 3.91 16.42
N ASP B 96 -20.30 3.57 17.14
CA ASP B 96 -21.08 4.53 17.90
C ASP B 96 -20.41 4.66 19.24
N LEU B 97 -19.73 5.78 19.49
CA LEU B 97 -19.07 5.95 20.77
C LEU B 97 -20.03 6.35 21.88
N ASN B 98 -21.25 6.71 21.49
CA ASN B 98 -22.33 6.91 22.44
C ASN B 98 -22.64 5.60 23.14
N LYS B 99 -22.45 4.50 22.42
CA LYS B 99 -22.70 3.14 22.93
C LYS B 99 -21.41 2.39 23.26
N GLY B 100 -21.55 1.18 23.78
CA GLY B 100 -20.38 0.36 24.01
C GLY B 100 -20.08 -0.54 22.84
N ILE B 101 -18.83 -0.96 22.71
CA ILE B 101 -18.41 -1.90 21.69
C ILE B 101 -18.01 -3.22 22.32
N GLU B 102 -18.44 -4.31 21.70
CA GLU B 102 -17.98 -5.63 22.09
C GLU B 102 -17.57 -6.40 20.84
N ALA B 103 -16.54 -7.23 20.97
CA ALA B 103 -16.02 -8.01 19.85
C ALA B 103 -15.54 -9.42 20.25
N MLY B 104 -15.58 -10.37 19.32
CA MLY B 104 -14.98 -11.69 19.58
CB MLY B 104 -16.03 -12.77 19.95
CG MLY B 104 -17.06 -13.02 18.85
CD MLY B 104 -18.02 -14.08 19.35
CE MLY B 104 -19.12 -14.47 18.34
NZ MLY B 104 -19.96 -15.51 18.97
CH1 MLY B 104 -21.01 -15.98 18.04
CH2 MLY B 104 -20.59 -14.96 20.18
C MLY B 104 -14.18 -12.16 18.36
O MLY B 104 -14.64 -11.94 17.24
N ILE B 105 -13.05 -12.79 18.57
CA ILE B 105 -12.31 -13.34 17.46
C ILE B 105 -11.80 -14.74 17.77
N HIS B 106 -11.65 -15.57 16.74
CA HIS B 106 -11.06 -16.90 16.93
C HIS B 106 -10.16 -17.32 15.76
N THR B 107 -8.91 -17.70 16.06
CA THR B 107 -8.01 -18.21 15.05
C THR B 107 -8.78 -19.25 14.22
N LEU B 108 -8.45 -19.31 12.95
CA LEU B 108 -9.07 -20.20 12.00
C LEU B 108 -8.04 -20.91 11.16
N LEU B 109 -8.00 -22.24 11.25
CA LEU B 109 -7.02 -23.01 10.51
C LEU B 109 -7.67 -23.66 9.32
N PRO B 110 -7.10 -23.45 8.12
CA PRO B 110 -7.54 -24.06 6.87
C PRO B 110 -7.20 -25.54 6.88
N TRP B 111 -8.01 -26.35 6.23
CA TRP B 111 -7.79 -27.79 6.23
C TRP B 111 -6.50 -28.22 5.52
N GLN B 112 -5.90 -27.31 4.76
CA GLN B 112 -4.60 -27.60 4.14
C GLN B 112 -3.53 -27.65 5.20
N CYS B 113 -3.66 -26.72 6.14
CA CYS B 113 -2.77 -26.68 7.28
C CYS B 113 -2.91 -28.05 7.93
N THR B 114 -4.10 -28.33 8.46
CA THR B 114 -4.36 -29.61 9.11
C THR B 114 -4.07 -30.80 8.19
N ASN B 115 -4.35 -30.64 6.90
CA ASN B 115 -4.39 -31.78 5.98
C ASN B 115 -5.48 -32.73 6.44
N GLY B 116 -6.29 -32.25 7.37
CA GLY B 116 -7.45 -32.98 7.86
C GLY B 116 -8.67 -32.08 7.76
N SER B 117 -9.38 -31.91 8.85
CA SER B 117 -10.53 -31.02 8.84
C SER B 117 -10.11 -29.62 9.25
N GLU B 118 -11.05 -28.68 9.19
CA GLU B 118 -10.79 -27.29 9.54
C GLU B 118 -10.78 -27.07 11.05
N VAL B 119 -9.59 -26.84 11.58
CA VAL B 119 -9.44 -26.48 13.00
C VAL B 119 -9.70 -25.02 13.31
N GLN B 120 -10.27 -24.75 14.49
CA GLN B 120 -10.59 -23.38 14.91
C GLN B 120 -10.39 -23.20 16.41
N SER B 121 -9.99 -22.02 16.82
CA SER B 121 -9.75 -21.76 18.24
C SER B 121 -10.98 -21.19 18.95
N SER B 122 -10.89 -21.08 20.27
CA SER B 122 -11.97 -20.54 21.06
C SER B 122 -12.01 -19.03 20.92
N TRP B 123 -13.17 -18.44 21.22
CA TRP B 123 -13.30 -17.00 21.10
C TRP B 123 -12.42 -16.31 22.12
N ALA B 124 -11.63 -15.36 21.66
CA ALA B 124 -11.04 -14.35 22.54
C ALA B 124 -12.07 -13.24 22.60
N GLU B 125 -12.18 -12.57 23.74
CA GLU B 125 -13.12 -11.46 23.80
C GLU B 125 -12.51 -10.20 24.38
N THR B 126 -12.96 -9.06 23.85
CA THR B 126 -12.64 -7.79 24.46
C THR B 126 -13.81 -6.80 24.35
N THR B 127 -13.75 -5.73 25.13
CA THR B 127 -14.73 -4.67 25.03
C THR B 127 -14.05 -3.32 25.09
N TYR B 128 -14.79 -2.28 24.74
CA TYR B 128 -14.28 -0.93 24.89
C TYR B 128 -15.45 0.03 24.98
N TRP B 129 -15.32 1.03 25.83
CA TRP B 129 -16.45 1.86 26.15
C TRP B 129 -15.99 3.12 26.87
N ILE B 130 -16.20 4.24 26.21
CA ILE B 130 -15.80 5.54 26.75
C ILE B 130 -16.27 5.76 28.17
N SER B 131 -15.32 5.96 29.07
CA SER B 131 -15.68 6.38 30.42
C SER B 131 -16.62 7.57 30.35
N PRO B 132 -17.91 7.34 30.64
CA PRO B 132 -18.85 8.46 30.55
C PRO B 132 -18.68 9.41 31.74
N GLN B 133 -18.42 10.69 31.47
CA GLN B 133 -18.44 11.72 32.50
C GLN B 133 -19.75 12.51 32.44
N GLY B 134 -20.04 13.29 33.48
CA GLY B 134 -21.24 14.10 33.55
C GLY B 134 -22.52 13.29 33.51
N ILE B 135 -23.66 13.90 33.80
CA ILE B 135 -24.90 13.14 33.86
C ILE B 135 -25.63 13.41 32.53
N PRO B 136 -25.86 12.36 31.74
CA PRO B 136 -26.66 12.46 30.51
C PRO B 136 -27.92 13.32 30.61
N GLU B 137 -28.25 14.01 29.52
CA GLU B 137 -29.12 15.18 29.52
C GLU B 137 -28.38 16.45 29.94
N THR B 138 -27.12 16.28 30.36
CA THR B 138 -26.11 17.32 30.33
C THR B 138 -25.42 17.22 28.98
N MLY B 139 -25.73 16.13 28.27
CA MLY B 139 -25.28 15.93 26.90
CB MLY B 139 -25.45 14.47 26.51
CG MLY B 139 -26.63 13.84 27.25
CD MLY B 139 -26.75 12.35 26.92
CE MLY B 139 -25.87 11.97 25.73
NZ MLY B 139 -26.70 11.78 24.53
CH1 MLY B 139 -25.88 11.18 23.46
CH2 MLY B 139 -27.82 10.89 24.86
C MLY B 139 -26.19 16.80 26.04
O MLY B 139 -27.42 16.79 26.27
N VAL B 140 -25.62 17.54 25.11
CA VAL B 140 -26.38 18.53 24.33
C VAL B 140 -27.44 17.92 23.40
N GLN B 141 -28.44 18.73 23.04
CA GLN B 141 -29.63 18.23 22.35
C GLN B 141 -29.94 18.85 20.99
N ASP B 142 -30.76 18.14 20.23
CA ASP B 142 -31.30 18.64 18.95
C ASP B 142 -30.28 18.83 17.84
N MET B 143 -29.13 18.18 17.99
CA MET B 143 -28.04 18.27 17.02
C MET B 143 -28.54 18.14 15.60
N ASP B 144 -28.29 19.17 14.79
CA ASP B 144 -28.74 19.20 13.40
C ASP B 144 -27.63 19.74 12.49
N CYS B 145 -27.46 19.09 11.34
CA CYS B 145 -26.41 19.46 10.39
C CYS B 145 -26.97 19.57 8.97
N VAL B 146 -26.39 20.47 8.18
CA VAL B 146 -26.72 20.54 6.76
C VAL B 146 -25.48 20.94 5.97
N TYR B 147 -25.34 20.39 4.77
CA TYR B 147 -24.20 20.66 3.92
C TYR B 147 -24.65 21.55 2.78
N TYR B 148 -24.94 22.81 3.10
CA TYR B 148 -25.51 23.77 2.17
C TYR B 148 -24.75 23.82 0.85
N ASN B 149 -25.48 23.55 -0.23
CA ASN B 149 -24.93 23.58 -1.58
C ASN B 149 -23.63 22.80 -1.71
N TRP B 150 -23.53 21.69 -0.99
CA TRP B 150 -22.35 20.85 -1.06
C TRP B 150 -21.10 21.66 -0.87
N GLN B 151 -21.19 22.71 -0.05
CA GLN B 151 -20.16 23.72 -0.02
C GLN B 151 -19.78 24.11 1.42
N TYR B 152 -20.79 24.44 2.22
CA TYR B 152 -20.54 24.93 3.57
C TYR B 152 -21.33 24.15 4.60
N LEU B 153 -20.63 23.54 5.56
CA LEU B 153 -21.28 22.75 6.60
C LEU B 153 -21.70 23.60 7.81
N LEU B 154 -22.92 23.41 8.28
CA LEU B 154 -23.37 24.08 9.48
C LEU B 154 -23.92 23.05 10.46
N CYS B 155 -23.64 23.24 11.74
CA CYS B 155 -24.12 22.34 12.79
C CYS B 155 -24.72 23.15 13.92
N SER B 156 -25.89 22.72 14.42
CA SER B 156 -26.58 23.45 15.47
C SER B 156 -27.20 22.55 16.53
N TRP B 157 -27.34 23.08 17.75
CA TRP B 157 -27.83 22.30 18.87
C TRP B 157 -28.23 23.17 20.06
N LYS B 158 -29.13 22.65 20.89
CA LYS B 158 -29.49 23.27 22.16
C LYS B 158 -28.76 22.56 23.30
N PRO B 159 -28.39 23.31 24.34
CA PRO B 159 -27.68 22.82 25.52
C PRO B 159 -28.65 22.13 26.48
N GLY B 160 -28.23 21.99 27.75
CA GLY B 160 -29.01 21.26 28.75
C GLY B 160 -29.11 22.03 30.07
N THR B 167 -20.36 27.61 31.98
CA THR B 167 -19.87 26.40 31.33
C THR B 167 -20.14 26.46 29.83
N ASN B 168 -19.40 25.66 29.05
CA ASN B 168 -19.41 25.80 27.59
C ASN B 168 -19.17 24.50 26.80
N TYR B 169 -19.52 24.52 25.51
CA TYR B 169 -19.42 23.35 24.63
C TYR B 169 -18.36 23.47 23.52
N ASN B 170 -17.74 22.35 23.16
CA ASN B 170 -16.79 22.30 22.06
C ASN B 170 -17.19 21.28 21.00
N LEU B 171 -16.90 21.58 19.74
CA LEU B 171 -17.11 20.61 18.67
C LEU B 171 -15.81 20.22 17.98
N PHE B 172 -15.64 18.92 17.78
CA PHE B 172 -14.50 18.40 17.07
C PHE B 172 -14.99 17.50 15.96
N TYR B 173 -14.14 17.27 14.98
CA TYR B 173 -14.55 16.42 13.88
C TYR B 173 -13.33 15.77 13.27
N TRP B 174 -13.59 14.76 12.46
CA TRP B 174 -12.52 14.06 11.81
C TRP B 174 -13.08 13.19 10.70
N TYR B 175 -12.23 12.83 9.76
CA TYR B 175 -12.56 11.90 8.72
C TYR B 175 -11.22 11.43 8.22
N GLU B 176 -11.18 10.38 7.43
CA GLU B 176 -9.88 9.91 6.99
C GLU B 176 -9.24 10.98 6.12
N GLY B 177 -7.92 11.10 6.22
CA GLY B 177 -7.21 12.19 5.58
C GLY B 177 -6.62 13.10 6.64
N LEU B 178 -7.48 13.58 7.52
CA LEU B 178 -7.07 14.33 8.72
C LEU B 178 -6.06 13.57 9.58
N ASP B 179 -4.98 14.24 9.96
CA ASP B 179 -3.98 13.64 10.83
C ASP B 179 -4.56 13.40 12.21
N HIS B 180 -5.40 14.32 12.65
CA HIS B 180 -6.00 14.23 13.96
C HIS B 180 -7.34 14.94 13.95
N ALA B 181 -8.10 14.78 15.02
CA ALA B 181 -9.40 15.42 15.12
C ALA B 181 -9.22 16.92 15.31
N LEU B 182 -10.00 17.71 14.57
CA LEU B 182 -9.92 19.16 14.66
C LEU B 182 -11.08 19.75 15.45
N GLN B 183 -10.86 20.93 16.02
CA GLN B 183 -11.94 21.66 16.66
C GLN B 183 -12.45 22.78 15.76
N CYS B 184 -13.74 23.06 15.85
CA CYS B 184 -14.34 24.19 15.16
C CYS B 184 -13.68 25.50 15.58
N VAL B 185 -13.61 26.44 14.65
CA VAL B 185 -12.96 27.73 14.84
C VAL B 185 -13.98 28.85 14.89
N ASP B 186 -14.78 28.94 13.83
CA ASP B 186 -15.84 29.92 13.76
C ASP B 186 -17.10 29.30 14.39
N TYR B 187 -17.26 29.45 15.70
CA TYR B 187 -18.44 28.94 16.38
C TYR B 187 -19.65 29.82 16.13
N ILE B 188 -20.80 29.38 16.62
CA ILE B 188 -22.00 30.20 16.60
C ILE B 188 -22.44 30.39 18.03
N LYS B 189 -22.09 31.54 18.61
CA LYS B 189 -22.40 31.83 20.00
C LYS B 189 -23.83 32.34 20.17
N ALA B 190 -24.34 32.26 21.40
CA ALA B 190 -25.67 32.77 21.72
C ALA B 190 -26.01 32.57 23.21
N GLN B 193 -22.66 31.36 24.94
CA GLN B 193 -22.17 29.99 24.79
C GLN B 193 -22.31 29.49 23.35
N ASN B 194 -21.51 28.49 23.00
CA ASN B 194 -21.55 27.91 21.66
C ASN B 194 -22.75 27.00 21.43
N ILE B 195 -23.49 27.28 20.36
CA ILE B 195 -24.62 26.45 19.99
C ILE B 195 -24.61 26.13 18.49
N GLY B 196 -23.51 26.48 17.83
CA GLY B 196 -23.35 26.20 16.41
C GLY B 196 -21.91 26.11 15.96
N CYS B 197 -21.71 25.62 14.74
CA CYS B 197 -20.38 25.58 14.15
C CYS B 197 -20.43 25.78 12.66
N ARG B 198 -19.54 26.63 12.17
CA ARG B 198 -19.47 26.83 10.76
C ARG B 198 -18.09 26.41 10.28
N PHE B 199 -18.11 25.40 9.44
CA PHE B 199 -16.96 24.57 9.22
C PHE B 199 -16.11 25.34 8.27
N PRO B 200 -14.81 25.07 8.28
CA PRO B 200 -13.84 25.42 7.25
C PRO B 200 -14.17 24.70 5.96
N TYR B 201 -13.29 24.80 4.96
CA TYR B 201 -13.58 24.11 3.73
C TYR B 201 -13.21 22.69 4.02
N LEU B 202 -14.11 21.74 3.77
CA LEU B 202 -13.78 20.33 4.02
C LEU B 202 -13.31 19.60 2.76
N GLU B 203 -12.01 19.65 2.47
CA GLU B 203 -11.54 19.06 1.23
C GLU B 203 -11.48 17.54 1.28
N ALA B 204 -12.12 16.90 0.31
CA ALA B 204 -12.09 15.44 0.20
C ALA B 204 -12.75 14.80 1.40
N SER B 205 -14.02 15.14 1.60
CA SER B 205 -14.73 14.87 2.83
C SER B 205 -15.99 14.07 2.56
N ASP B 206 -16.53 14.18 1.36
CA ASP B 206 -17.73 13.43 1.03
C ASP B 206 -17.41 11.96 0.72
N TYR B 207 -18.44 11.11 0.77
CA TYR B 207 -18.30 9.71 0.37
C TYR B 207 -17.34 8.96 1.31
N LYS B 208 -17.44 9.29 2.59
CA LYS B 208 -16.69 8.64 3.66
C LYS B 208 -17.27 9.10 4.99
N ASP B 209 -17.09 8.29 6.02
CA ASP B 209 -17.68 8.57 7.32
C ASP B 209 -17.12 9.86 7.94
N PHE B 210 -18.03 10.72 8.39
CA PHE B 210 -17.69 12.00 9.00
C PHE B 210 -18.06 12.00 10.48
N TYR B 211 -17.06 12.20 11.33
CA TYR B 211 -17.24 12.10 12.77
C TYR B 211 -17.24 13.42 13.51
N ILE B 212 -18.10 13.51 14.52
CA ILE B 212 -18.25 14.73 15.30
C ILE B 212 -18.41 14.37 16.79
N CYS B 213 -17.67 15.07 17.64
CA CYS B 213 -17.85 14.93 19.08
C CYS B 213 -18.08 16.30 19.70
N VAL B 214 -19.12 16.42 20.52
CA VAL B 214 -19.41 17.67 21.18
C VAL B 214 -19.02 17.60 22.67
N ASN B 215 -17.78 17.96 22.99
CA ASN B 215 -17.29 17.93 24.37
C ASN B 215 -18.04 18.93 25.20
N GLY B 216 -17.65 19.02 26.48
CA GLY B 216 -18.25 20.00 27.38
C GLY B 216 -17.56 19.96 28.74
N SER B 217 -17.77 20.99 29.55
CA SER B 217 -17.23 21.02 30.92
C SER B 217 -17.88 22.08 31.79
N ILE B 223 -18.67 17.02 31.34
CA ILE B 223 -20.03 16.50 31.16
C ILE B 223 -20.13 15.56 29.95
N ARG B 224 -21.29 14.95 29.75
CA ARG B 224 -21.46 13.88 28.76
C ARG B 224 -21.27 14.35 27.32
N SER B 225 -20.28 13.77 26.64
CA SER B 225 -19.98 14.12 25.25
C SER B 225 -20.96 13.48 24.27
N SER B 226 -21.32 14.19 23.21
CA SER B 226 -22.18 13.63 22.18
C SER B 226 -21.39 13.20 20.95
N TYR B 227 -21.66 11.99 20.45
CA TYR B 227 -20.99 11.54 19.23
C TYR B 227 -21.95 11.43 18.05
N PHE B 228 -21.51 11.91 16.89
CA PHE B 228 -22.31 11.86 15.65
C PHE B 228 -21.50 11.46 14.43
N THR B 229 -22.11 10.60 13.61
CA THR B 229 -21.47 10.18 12.38
C THR B 229 -22.45 10.18 11.22
N PHE B 230 -21.96 10.59 10.05
CA PHE B 230 -22.74 10.64 8.83
C PHE B 230 -21.81 10.96 7.70
N GLN B 231 -22.35 10.90 6.48
CA GLN B 231 -21.59 11.19 5.28
C GLN B 231 -22.19 12.39 4.55
N LEU B 232 -21.33 13.33 4.16
CA LEU B 232 -21.77 14.63 3.71
C LEU B 232 -22.69 14.60 2.51
N GLN B 233 -22.35 13.82 1.51
CA GLN B 233 -23.19 13.76 0.32
C GLN B 233 -24.69 13.51 0.62
N ASN B 234 -24.99 13.04 1.83
CA ASN B 234 -26.35 12.63 2.17
C ASN B 234 -27.14 13.70 2.92
N ILE B 235 -26.50 14.84 3.13
CA ILE B 235 -27.00 15.86 4.04
C ILE B 235 -27.00 17.24 3.35
N VAL B 236 -27.14 17.23 2.03
CA VAL B 236 -26.99 18.44 1.24
C VAL B 236 -28.32 19.13 0.91
N LYS B 237 -28.45 20.38 1.34
CA LYS B 237 -29.54 21.23 0.88
C LYS B 237 -28.92 22.12 -0.18
N PRO B 238 -29.33 21.94 -1.44
CA PRO B 238 -28.74 22.74 -2.51
C PRO B 238 -29.39 24.11 -2.59
N LEU B 239 -29.10 24.84 -3.65
CA LEU B 239 -29.71 26.13 -3.87
C LEU B 239 -30.80 25.99 -4.91
N PRO B 240 -31.85 26.82 -4.82
CA PRO B 240 -32.97 26.69 -5.75
C PRO B 240 -32.50 26.91 -7.18
N PRO B 241 -33.12 26.22 -8.15
CA PRO B 241 -32.79 26.36 -9.57
C PRO B 241 -33.00 27.80 -9.99
N VAL B 242 -32.23 28.29 -10.95
CA VAL B 242 -32.38 29.67 -11.41
C VAL B 242 -32.68 29.77 -12.90
N TYR B 243 -32.85 31.00 -13.37
CA TYR B 243 -33.13 31.28 -14.77
C TYR B 243 -34.25 30.39 -15.32
N LEU B 244 -35.45 30.58 -14.77
CA LEU B 244 -36.64 29.90 -15.25
C LEU B 244 -37.20 30.64 -16.46
N THR B 245 -37.46 29.92 -17.54
CA THR B 245 -37.94 30.55 -18.76
C THR B 245 -39.05 29.73 -19.42
N PHE B 246 -39.88 30.41 -20.21
CA PHE B 246 -40.89 29.75 -21.02
C PHE B 246 -40.46 29.74 -22.49
N THR B 247 -40.86 28.71 -23.22
CA THR B 247 -40.55 28.60 -24.64
C THR B 247 -41.73 28.06 -25.41
N LYS B 255 -43.76 23.00 -23.15
CA LYS B 255 -42.44 22.72 -22.60
C LYS B 255 -41.78 24.00 -22.08
N LEU B 256 -41.38 23.95 -20.82
CA LEU B 256 -40.76 25.10 -20.15
C LEU B 256 -39.41 24.71 -19.53
N LYS B 257 -38.45 25.62 -19.58
CA LYS B 257 -37.11 25.30 -19.10
C LYS B 257 -36.69 26.01 -17.80
N TRP B 258 -35.45 25.75 -17.42
CA TRP B 258 -34.79 26.36 -16.26
C TRP B 258 -33.40 25.74 -16.19
N SER B 259 -32.55 26.19 -15.27
CA SER B 259 -31.17 25.69 -15.21
C SER B 259 -30.58 25.43 -13.83
N ILE B 260 -29.37 24.90 -13.79
CA ILE B 260 -28.75 24.60 -12.51
C ILE B 260 -28.32 25.79 -11.68
N PRO B 261 -28.51 25.71 -10.35
CA PRO B 261 -28.27 26.81 -9.43
C PRO B 261 -26.77 27.02 -9.49
N LEU B 262 -26.26 28.01 -8.79
CA LEU B 262 -24.83 28.18 -8.75
C LEU B 262 -24.23 27.34 -7.64
N GLY B 263 -23.49 26.31 -8.04
CA GLY B 263 -22.89 25.39 -7.10
C GLY B 263 -21.83 24.48 -7.70
N PRO B 264 -21.19 23.66 -6.83
CA PRO B 264 -20.16 22.70 -7.24
C PRO B 264 -20.86 21.45 -7.74
N ILE B 265 -22.17 21.39 -7.51
CA ILE B 265 -22.98 20.21 -7.84
C ILE B 265 -23.26 20.13 -9.34
N PRO B 266 -22.84 19.00 -9.95
CA PRO B 266 -23.17 18.68 -11.35
C PRO B 266 -24.67 18.57 -11.54
N ALA B 267 -25.13 18.46 -12.77
CA ALA B 267 -26.56 18.45 -13.05
C ALA B 267 -27.15 17.06 -12.87
N ARG B 268 -26.34 16.07 -13.24
CA ARG B 268 -26.70 14.67 -13.15
C ARG B 268 -27.10 14.29 -11.74
N CYS B 269 -26.66 15.08 -10.77
CA CYS B 269 -26.89 14.75 -9.37
C CYS B 269 -28.17 15.39 -8.85
N PHE B 270 -28.98 15.94 -9.74
CA PHE B 270 -30.19 16.66 -9.30
C PHE B 270 -31.52 16.01 -9.65
N ASP B 271 -32.45 16.06 -8.71
CA ASP B 271 -33.85 15.73 -8.96
C ASP B 271 -34.66 16.98 -8.74
N TYR B 272 -35.57 17.28 -9.66
CA TYR B 272 -36.35 18.49 -9.55
C TYR B 272 -37.81 18.24 -9.17
N GLU B 273 -38.40 19.11 -8.39
CA GLU B 273 -39.81 18.98 -8.04
C GLU B 273 -40.53 20.22 -8.46
N ILE B 274 -41.74 20.07 -8.98
CA ILE B 274 -42.41 21.21 -9.59
C ILE B 274 -43.87 21.44 -9.27
N GLU B 275 -44.15 22.49 -8.49
CA GLU B 275 -45.47 22.79 -7.97
C GLU B 275 -46.13 23.95 -8.65
N ILE B 276 -46.84 23.68 -9.74
CA ILE B 276 -47.49 24.73 -10.50
C ILE B 276 -49.01 24.60 -10.50
N THR B 285 -48.56 19.52 -8.30
CA THR B 285 -47.16 19.20 -8.03
C THR B 285 -46.68 18.05 -8.91
N ALA B 286 -45.36 17.91 -9.02
CA ALA B 286 -44.76 16.85 -9.84
C ALA B 286 -43.26 16.71 -9.60
N THR B 287 -42.71 15.58 -10.06
CA THR B 287 -41.29 15.32 -9.91
C THR B 287 -40.62 14.91 -11.21
N VAL B 288 -39.40 15.40 -11.43
CA VAL B 288 -38.66 15.09 -12.65
C VAL B 288 -37.13 15.21 -12.55
N GLU B 289 -36.44 14.56 -13.46
CA GLU B 289 -34.97 14.56 -13.46
C GLU B 289 -34.37 15.32 -14.65
N ASN B 290 -35.23 15.71 -15.58
CA ASN B 290 -34.83 16.58 -16.67
C ASN B 290 -35.12 18.01 -16.24
N GLU B 291 -34.88 18.97 -17.09
CA GLU B 291 -35.21 20.33 -16.75
C GLU B 291 -36.09 20.90 -17.83
N THR B 292 -37.33 20.43 -17.89
CA THR B 292 -38.24 20.80 -18.93
C THR B 292 -39.54 20.14 -18.61
N TYR B 293 -40.48 20.28 -19.52
CA TYR B 293 -41.78 19.69 -19.30
C TYR B 293 -42.57 19.49 -20.58
N PHE B 306 -44.55 29.36 -13.15
CA PHE B 306 -44.17 28.06 -12.60
C PHE B 306 -43.02 28.21 -11.60
N VAL B 307 -42.94 27.25 -10.67
CA VAL B 307 -41.89 27.27 -9.65
C VAL B 307 -41.25 25.88 -9.49
N VAL B 308 -39.98 25.85 -9.08
CA VAL B 308 -39.21 24.60 -9.08
C VAL B 308 -38.36 24.56 -7.80
N ARG B 309 -38.06 23.35 -7.34
CA ARG B 309 -37.23 23.12 -6.16
C ARG B 309 -36.29 21.96 -6.47
N SER B 310 -35.15 21.85 -5.77
CA SER B 310 -34.22 20.74 -6.06
C SER B 310 -33.74 19.93 -4.84
N LYS B 311 -32.90 18.93 -5.12
CA LYS B 311 -32.51 17.92 -4.14
C LYS B 311 -31.55 16.98 -4.84
N VAL B 312 -30.54 16.49 -4.11
CA VAL B 312 -29.61 15.54 -4.70
C VAL B 312 -30.24 14.17 -4.92
N ASN B 313 -30.07 13.60 -6.11
CA ASN B 313 -30.72 12.34 -6.46
C ASN B 313 -29.94 11.12 -6.00
N ILE B 314 -30.53 9.94 -6.15
CA ILE B 314 -29.94 8.74 -5.59
C ILE B 314 -28.88 8.10 -6.48
N TYR B 315 -28.30 8.89 -7.37
CA TYR B 315 -27.15 8.43 -8.12
C TYR B 315 -25.92 9.04 -7.51
N CYS B 316 -26.14 10.04 -6.66
CA CYS B 316 -25.08 10.80 -6.03
C CYS B 316 -25.11 10.68 -4.50
N SER B 317 -26.29 10.41 -3.95
CA SER B 317 -26.42 10.31 -2.51
C SER B 317 -27.49 9.32 -2.12
N ASP B 318 -27.66 9.11 -0.82
CA ASP B 318 -28.64 8.17 -0.30
C ASP B 318 -29.89 8.89 0.20
N ASP B 319 -29.70 9.98 0.95
CA ASP B 319 -30.80 10.86 1.34
C ASP B 319 -30.42 12.30 0.97
N GLY B 320 -31.33 13.24 1.24
CA GLY B 320 -31.07 14.62 0.88
C GLY B 320 -32.17 15.56 1.32
N ILE B 321 -31.81 16.84 1.44
CA ILE B 321 -32.77 17.87 1.77
C ILE B 321 -33.16 18.61 0.50
N TRP B 322 -34.44 18.96 0.38
CA TRP B 322 -34.91 19.78 -0.74
C TRP B 322 -34.40 21.20 -0.63
N SER B 323 -33.94 21.75 -1.74
CA SER B 323 -33.63 23.18 -1.81
C SER B 323 -34.90 23.96 -1.56
N GLU B 324 -34.76 25.26 -1.31
CA GLU B 324 -35.93 26.11 -1.21
C GLU B 324 -36.50 26.30 -2.60
N TRP B 325 -37.78 26.67 -2.70
CA TRP B 325 -38.36 26.88 -4.02
C TRP B 325 -37.78 28.12 -4.69
N SER B 326 -37.93 28.21 -6.00
CA SER B 326 -37.46 29.38 -6.73
C SER B 326 -38.56 30.44 -6.78
N ASP B 327 -38.33 31.50 -7.54
CA ASP B 327 -39.33 32.53 -7.77
C ASP B 327 -40.25 32.09 -8.91
N LYS B 328 -41.47 32.62 -8.94
CA LYS B 328 -42.44 32.24 -9.97
C LYS B 328 -41.96 32.57 -11.37
N PRO C 24 13.36 0.28 -30.97
CA PRO C 24 14.28 1.07 -30.13
C PRO C 24 15.56 0.28 -29.85
N PRO C 25 16.50 0.86 -29.10
CA PRO C 25 17.75 0.18 -28.72
C PRO C 25 17.62 -0.55 -27.39
N SER C 26 16.79 0.02 -26.51
CA SER C 26 16.64 -0.46 -25.15
C SER C 26 15.77 -1.72 -25.05
N THR C 27 15.04 -2.01 -26.12
CA THR C 27 14.01 -3.05 -26.08
C THR C 27 14.54 -4.38 -25.57
N ALA C 28 15.77 -4.75 -25.95
CA ALA C 28 16.36 -6.02 -25.51
C ALA C 28 16.39 -6.10 -24.00
N LEU C 29 16.97 -5.07 -23.40
CA LEU C 29 17.07 -4.96 -21.95
C LEU C 29 15.67 -4.87 -21.34
N ARG C 30 14.85 -3.97 -21.88
CA ARG C 30 13.51 -3.73 -21.38
C ARG C 30 12.78 -5.04 -21.14
N GLU C 31 12.89 -5.98 -22.06
CA GLU C 31 12.13 -7.21 -21.97
C GLU C 31 12.83 -8.29 -21.15
N LEU C 32 14.16 -8.32 -21.19
CA LEU C 32 14.90 -9.19 -20.28
C LEU C 32 14.58 -8.81 -18.84
N ILE C 33 14.62 -7.51 -18.55
CA ILE C 33 14.29 -7.00 -17.24
C ILE C 33 12.90 -7.47 -16.83
N GLU C 34 11.91 -7.32 -17.71
CA GLU C 34 10.58 -7.77 -17.35
C GLU C 34 10.62 -9.23 -16.92
N GLU C 35 11.21 -10.07 -17.76
CA GLU C 35 11.34 -11.51 -17.49
C GLU C 35 11.90 -11.76 -16.11
N LEU C 36 13.00 -11.11 -15.77
CA LEU C 36 13.62 -11.28 -14.48
C LEU C 36 12.70 -10.83 -13.39
N VAL C 37 11.93 -9.78 -13.67
CA VAL C 37 11.00 -9.30 -12.69
C VAL C 37 10.04 -10.42 -12.38
N ASN C 38 9.52 -11.04 -13.45
CA ASN C 38 8.60 -12.16 -13.33
C ASN C 38 9.08 -13.32 -12.44
N ILE C 39 10.14 -14.00 -12.87
CA ILE C 39 10.61 -15.15 -12.11
C ILE C 39 11.22 -14.80 -10.76
N THR C 40 11.03 -13.57 -10.32
CA THR C 40 11.56 -13.12 -9.04
C THR C 40 10.39 -12.78 -8.11
N GLN C 41 9.24 -12.51 -8.72
CA GLN C 41 8.02 -12.22 -7.98
C GLN C 41 7.18 -13.49 -7.95
N ASN C 42 7.30 -14.27 -9.02
CA ASN C 42 6.41 -15.41 -9.24
C ASN C 42 7.06 -16.76 -8.97
N GLN C 43 8.17 -16.74 -8.24
CA GLN C 43 8.71 -17.99 -7.71
C GLN C 43 7.98 -18.28 -6.40
N LYS C 44 7.09 -19.27 -6.42
CA LYS C 44 6.36 -19.64 -5.20
C LYS C 44 7.32 -20.39 -4.28
N ALA C 45 7.82 -21.51 -4.77
CA ALA C 45 8.86 -22.26 -4.10
C ALA C 45 10.19 -21.72 -4.58
N PRO C 46 11.26 -21.95 -3.81
CA PRO C 46 12.65 -21.63 -4.16
C PRO C 46 12.94 -21.77 -5.65
N LEU C 47 13.41 -20.68 -6.25
CA LEU C 47 13.68 -20.67 -7.68
C LEU C 47 14.79 -21.66 -8.04
N CYS C 48 14.52 -22.48 -9.05
CA CYS C 48 15.44 -23.50 -9.51
C CYS C 48 15.91 -24.45 -8.42
N ASN C 49 14.95 -24.97 -7.69
CA ASN C 49 15.22 -25.93 -6.63
C ASN C 49 16.38 -25.51 -5.75
N GLY C 50 16.60 -24.22 -5.62
CA GLY C 50 17.67 -23.76 -4.76
C GLY C 50 19.05 -24.12 -5.25
N SER C 51 19.15 -24.62 -6.47
CA SER C 51 20.44 -24.87 -7.10
C SER C 51 21.50 -23.76 -6.93
N MET C 52 22.78 -24.13 -6.91
CA MET C 52 23.86 -23.16 -6.71
C MET C 52 24.54 -22.85 -8.04
N VAL C 53 25.02 -21.62 -8.17
CA VAL C 53 25.61 -21.12 -9.41
C VAL C 53 26.81 -20.25 -9.06
N TRP C 54 27.79 -20.16 -9.96
CA TRP C 54 28.91 -19.27 -9.69
C TRP C 54 28.45 -17.81 -9.64
N SER C 55 28.91 -17.06 -8.64
CA SER C 55 28.65 -15.63 -8.63
C SER C 55 29.55 -14.95 -9.66
N ILE C 56 29.09 -13.84 -10.22
CA ILE C 56 29.83 -13.14 -11.26
C ILE C 56 30.24 -11.77 -10.76
N ASN C 57 31.30 -11.24 -11.38
CA ASN C 57 31.66 -9.84 -11.22
C ASN C 57 30.71 -9.00 -12.05
N LEU C 58 29.86 -8.26 -11.35
CA LEU C 58 28.85 -7.44 -11.99
C LEU C 58 29.42 -6.13 -12.62
N THR C 59 30.12 -6.27 -13.74
CA THR C 59 30.75 -5.19 -14.46
C THR C 59 30.99 -5.67 -15.86
N ALA C 60 31.96 -5.09 -16.55
CA ALA C 60 32.00 -5.26 -17.99
C ALA C 60 32.23 -6.74 -18.29
N GLY C 61 31.74 -7.15 -19.47
CA GLY C 61 31.79 -8.52 -19.92
C GLY C 61 31.18 -9.50 -18.95
N MET C 62 29.92 -9.28 -18.63
CA MET C 62 29.20 -9.97 -17.60
C MET C 62 27.98 -10.65 -18.15
N TYR C 63 27.40 -10.07 -19.17
CA TYR C 63 26.23 -10.66 -19.79
C TYR C 63 26.70 -12.09 -20.07
N CYS C 64 27.95 -12.20 -20.53
CA CYS C 64 28.57 -13.49 -20.88
C CYS C 64 28.88 -14.32 -19.65
N ALA C 65 29.42 -13.67 -18.63
CA ALA C 65 29.64 -14.29 -17.33
C ALA C 65 28.34 -14.84 -16.77
N ALA C 66 27.29 -14.02 -16.80
CA ALA C 66 25.98 -14.44 -16.32
C ALA C 66 25.46 -15.67 -17.06
N LEU C 67 25.70 -15.74 -18.37
CA LEU C 67 25.25 -16.88 -19.15
C LEU C 67 26.10 -18.11 -18.85
N GLU C 68 27.40 -17.89 -18.64
CA GLU C 68 28.30 -18.99 -18.27
C GLU C 68 27.93 -19.55 -16.90
N SER C 69 27.47 -18.69 -16.00
CA SER C 69 27.09 -19.15 -14.69
C SER C 69 25.79 -19.96 -14.65
N LEU C 70 24.71 -19.38 -15.16
CA LEU C 70 23.40 -20.03 -15.18
C LEU C 70 23.18 -21.19 -16.20
N ILE C 71 24.08 -21.24 -17.18
CA ILE C 71 23.97 -22.18 -18.30
C ILE C 71 24.12 -23.56 -17.70
N ASN C 72 24.66 -23.62 -16.49
CA ASN C 72 24.89 -24.87 -15.79
C ASN C 72 23.69 -25.38 -15.01
N VAL C 73 22.64 -24.59 -14.92
CA VAL C 73 21.41 -25.04 -14.30
C VAL C 73 20.51 -25.73 -15.33
N SER C 74 20.68 -27.04 -15.45
CA SER C 74 19.87 -27.84 -16.35
C SER C 74 18.75 -28.48 -15.55
N GLY C 75 17.53 -28.45 -16.09
CA GLY C 75 16.40 -29.05 -15.41
C GLY C 75 15.45 -28.00 -14.91
N CYS C 76 15.87 -26.74 -14.94
CA CYS C 76 14.99 -25.68 -14.55
C CYS C 76 14.50 -24.92 -15.78
N SER C 77 13.19 -24.99 -16.00
CA SER C 77 12.58 -24.32 -17.12
C SER C 77 12.26 -22.88 -16.74
N ALA C 78 12.18 -22.61 -15.44
CA ALA C 78 11.90 -21.25 -14.99
C ALA C 78 12.90 -20.28 -15.60
N ILE C 79 14.12 -20.75 -15.86
CA ILE C 79 15.15 -19.88 -16.45
C ILE C 79 15.48 -20.18 -17.90
N GLU C 80 14.55 -20.78 -18.61
CA GLU C 80 14.75 -21.07 -20.03
C GLU C 80 14.87 -19.77 -20.79
N LYS C 81 13.86 -18.92 -20.65
CA LYS C 81 13.81 -17.64 -21.35
C LYS C 81 15.03 -16.81 -20.98
N THR C 82 15.22 -16.59 -19.69
CA THR C 82 16.34 -15.81 -19.21
C THR C 82 17.66 -16.18 -19.88
N GLN C 83 17.93 -17.48 -19.97
CA GLN C 83 19.18 -17.91 -20.57
C GLN C 83 19.15 -17.54 -22.04
N ARG C 84 18.06 -17.87 -22.70
CA ARG C 84 17.91 -17.63 -24.13
C ARG C 84 18.11 -16.16 -24.45
N MET C 85 17.54 -15.29 -23.63
CA MET C 85 17.66 -13.85 -23.83
C MET C 85 19.10 -13.38 -23.71
N LEU C 86 19.80 -13.91 -22.72
CA LEU C 86 21.17 -13.54 -22.44
C LEU C 86 22.10 -14.03 -23.54
N SER C 87 21.65 -15.02 -24.31
CA SER C 87 22.52 -15.59 -25.33
C SER C 87 22.75 -14.57 -26.42
N GLY C 88 21.75 -13.72 -26.63
CA GLY C 88 21.79 -12.71 -27.68
C GLY C 88 22.50 -11.44 -27.27
N PHE C 89 22.75 -11.28 -25.97
CA PHE C 89 23.53 -10.17 -25.46
C PHE C 89 24.99 -10.55 -25.51
N CYS C 90 25.23 -11.83 -25.78
CA CYS C 90 26.58 -12.34 -25.75
C CYS C 90 26.99 -12.59 -27.18
N PRO C 91 28.08 -11.93 -27.61
CA PRO C 91 28.62 -12.08 -28.94
C PRO C 91 28.61 -13.55 -29.29
N HIS C 92 29.38 -14.32 -28.53
CA HIS C 92 29.55 -15.73 -28.81
C HIS C 92 28.49 -16.64 -28.18
N LYS C 93 28.42 -17.85 -28.69
CA LYS C 93 27.65 -18.90 -28.06
C LYS C 93 28.36 -19.31 -26.78
N VAL C 94 27.58 -19.62 -25.76
CA VAL C 94 28.12 -20.24 -24.57
C VAL C 94 27.60 -21.60 -24.20
N SER C 95 28.51 -22.55 -23.96
CA SER C 95 28.15 -23.91 -23.60
C SER C 95 28.49 -24.21 -22.13
N ALA C 96 27.85 -25.23 -21.56
CA ALA C 96 27.98 -25.50 -20.14
C ALA C 96 29.40 -26.00 -19.83
N GLY C 97 29.94 -25.58 -18.68
CA GLY C 97 31.29 -25.99 -18.30
C GLY C 97 32.35 -25.15 -18.98
N GLN C 98 31.90 -24.13 -19.71
CA GLN C 98 32.78 -23.19 -20.40
C GLN C 98 32.87 -21.94 -19.54
N PHE C 99 34.04 -21.34 -19.42
CA PHE C 99 34.19 -20.15 -18.57
C PHE C 99 35.25 -19.16 -19.06
N SER C 100 34.93 -18.45 -20.14
CA SER C 100 35.85 -17.47 -20.68
C SER C 100 35.69 -16.15 -19.94
N SER C 101 34.46 -15.66 -19.84
CA SER C 101 34.17 -14.36 -19.23
C SER C 101 34.01 -14.43 -17.72
N LEU C 102 33.47 -15.54 -17.23
CA LEU C 102 33.43 -15.76 -15.78
C LEU C 102 34.83 -16.14 -15.30
N HIS C 103 35.66 -15.12 -15.10
CA HIS C 103 37.05 -15.33 -14.76
C HIS C 103 37.30 -15.91 -13.36
N VAL C 104 37.04 -15.12 -12.33
CA VAL C 104 37.17 -15.62 -10.98
C VAL C 104 35.94 -16.48 -10.66
N ARG C 105 36.17 -17.77 -10.38
CA ARG C 105 35.12 -18.66 -9.92
C ARG C 105 35.55 -19.19 -8.57
N ASP C 106 35.13 -18.53 -7.49
CA ASP C 106 35.53 -18.92 -6.15
C ASP C 106 34.41 -18.88 -5.11
N THR C 107 33.19 -18.59 -5.55
CA THR C 107 32.00 -18.72 -4.69
C THR C 107 30.72 -19.03 -5.44
N MLY C 108 29.93 -19.96 -4.93
CA MLY C 108 28.60 -20.16 -5.49
CB MLY C 108 28.28 -21.62 -5.78
CG MLY C 108 29.19 -22.19 -6.85
CD MLY C 108 28.73 -23.60 -7.12
CE MLY C 108 29.53 -24.27 -8.23
NZ MLY C 108 28.96 -25.62 -8.38
CH1 MLY C 108 29.63 -26.32 -9.50
CH2 MLY C 108 27.49 -25.55 -8.52
C MLY C 108 27.48 -19.61 -4.62
O MLY C 108 27.58 -19.66 -3.38
N ILE C 109 26.41 -19.12 -5.24
CA ILE C 109 25.28 -18.63 -4.49
C ILE C 109 23.97 -19.17 -5.08
N GLU C 110 22.91 -19.16 -4.29
CA GLU C 110 21.63 -19.68 -4.75
C GLU C 110 21.13 -18.93 -5.97
N VAL C 111 20.60 -19.65 -6.95
CA VAL C 111 20.09 -19.01 -8.16
C VAL C 111 19.21 -17.80 -7.85
N ALA C 112 18.41 -17.89 -6.79
CA ALA C 112 17.39 -16.89 -6.50
C ALA C 112 18.04 -15.56 -6.18
N GLN C 113 19.19 -15.64 -5.52
CA GLN C 113 19.96 -14.47 -5.15
C GLN C 113 20.70 -13.95 -6.36
N PHE C 114 21.11 -14.86 -7.24
CA PHE C 114 21.87 -14.55 -8.44
C PHE C 114 21.08 -13.69 -9.40
N VAL C 115 19.81 -14.03 -9.60
CA VAL C 115 18.99 -13.25 -10.51
C VAL C 115 18.49 -11.98 -9.87
N LYS C 116 18.23 -11.99 -8.57
CA LYS C 116 17.91 -10.75 -7.89
C LYS C 116 19.09 -9.79 -8.04
N ASP C 117 20.29 -10.33 -7.93
CA ASP C 117 21.49 -9.52 -8.10
C ASP C 117 21.64 -9.07 -9.53
N LEU C 118 21.59 -10.02 -10.47
CA LEU C 118 21.62 -9.70 -11.90
C LEU C 118 20.56 -8.66 -12.26
N LEU C 119 19.33 -8.94 -11.87
CA LEU C 119 18.22 -8.04 -12.17
C LEU C 119 18.52 -6.63 -11.69
N LEU C 120 19.02 -6.49 -10.46
CA LEU C 120 19.33 -5.17 -9.91
C LEU C 120 20.24 -4.41 -10.86
N HIS C 121 21.43 -4.95 -11.07
CA HIS C 121 22.41 -4.36 -12.00
C HIS C 121 21.82 -4.01 -13.37
N LEU C 122 20.94 -4.85 -13.90
CA LEU C 122 20.30 -4.54 -15.18
C LEU C 122 19.54 -3.22 -15.06
N LYS C 123 18.62 -3.11 -14.10
CA LYS C 123 17.94 -1.83 -13.87
C LYS C 123 18.96 -0.69 -13.74
N LYS C 124 20.10 -0.97 -13.12
CA LYS C 124 21.12 0.04 -12.98
C LYS C 124 21.51 0.50 -14.38
N LEU C 125 22.09 -0.40 -15.16
CA LEU C 125 22.48 -0.08 -16.53
C LEU C 125 21.34 0.58 -17.27
N PHE C 126 20.13 0.06 -17.11
CA PHE C 126 19.01 0.74 -17.73
C PHE C 126 18.98 2.23 -17.35
N ARG C 127 18.96 2.51 -16.05
CA ARG C 127 18.98 3.87 -15.55
C ARG C 127 20.09 4.73 -16.17
N GLU C 128 21.28 4.15 -16.32
CA GLU C 128 22.41 4.85 -16.91
C GLU C 128 22.39 4.88 -18.45
N GLY C 129 21.27 4.49 -19.05
CA GLY C 129 21.15 4.45 -20.50
C GLY C 129 22.17 3.59 -21.23
N ARG C 130 22.40 2.37 -20.76
CA ARG C 130 23.35 1.49 -21.42
C ARG C 130 22.67 0.18 -21.82
N PHE C 131 22.73 -0.17 -23.10
CA PHE C 131 21.88 -1.26 -23.61
C PHE C 131 22.57 -2.48 -24.25
N ASN C 132 23.80 -2.77 -23.83
CA ASN C 132 24.58 -3.91 -24.34
C ASN C 132 26.03 -3.97 -23.80
N GLU D 29 37.44 -44.74 8.16
CA GLU D 29 36.67 -43.81 7.34
C GLU D 29 37.54 -42.68 6.79
N ILE D 30 36.90 -41.65 6.24
CA ILE D 30 37.58 -40.41 5.90
C ILE D 30 36.82 -39.25 6.54
N LYS D 31 37.55 -38.25 7.04
CA LYS D 31 36.94 -37.21 7.85
C LYS D 31 37.75 -35.91 7.85
N VAL D 32 37.05 -34.79 8.09
CA VAL D 32 37.69 -33.49 8.29
C VAL D 32 37.09 -32.71 9.44
N ASN D 33 37.86 -31.76 9.95
CA ASN D 33 37.43 -30.87 11.01
C ASN D 33 36.77 -29.60 10.48
N PRO D 34 35.95 -28.94 11.31
CA PRO D 34 35.25 -27.74 10.86
C PRO D 34 36.23 -26.58 10.82
N PRO D 35 35.85 -25.49 10.15
CA PRO D 35 36.77 -24.37 10.11
C PRO D 35 36.97 -23.82 11.52
N GLN D 36 38.10 -23.16 11.74
CA GLN D 36 38.46 -22.55 13.01
C GLN D 36 38.01 -21.11 13.04
N ASP D 37 37.93 -20.55 14.24
CA ASP D 37 37.73 -19.12 14.42
C ASP D 37 36.54 -18.59 13.63
N PHE D 38 35.55 -19.44 13.42
CA PHE D 38 34.32 -19.00 12.79
C PHE D 38 33.80 -17.85 13.63
N GLU D 39 33.99 -16.62 13.15
CA GLU D 39 33.43 -15.44 13.79
C GLU D 39 32.68 -14.46 12.91
N ILE D 40 31.66 -13.81 13.47
CA ILE D 40 30.93 -12.76 12.76
C ILE D 40 31.48 -11.42 13.25
N VAL D 41 31.86 -10.57 12.31
CA VAL D 41 32.52 -9.30 12.62
C VAL D 41 31.78 -8.08 12.07
N ASP D 42 31.65 -7.09 12.93
CA ASP D 42 30.85 -5.91 12.65
C ASP D 42 31.78 -4.71 12.43
N PRO D 43 31.96 -4.32 11.16
CA PRO D 43 32.89 -3.26 10.80
C PRO D 43 32.38 -1.89 11.25
N GLY D 44 31.17 -1.86 11.77
CA GLY D 44 30.52 -0.65 12.16
C GLY D 44 29.80 -0.01 11.00
N TYR D 45 29.38 -0.80 10.02
CA TYR D 45 28.70 -0.23 8.85
C TYR D 45 27.19 -0.29 8.96
N LEU D 46 26.70 -0.36 10.20
CA LEU D 46 25.28 -0.27 10.50
C LEU D 46 24.42 -1.41 9.90
N GLY D 47 25.02 -2.57 9.69
CA GLY D 47 24.28 -3.75 9.29
C GLY D 47 24.97 -4.61 8.23
N TYR D 48 26.11 -4.13 7.76
CA TYR D 48 26.92 -4.85 6.80
C TYR D 48 27.97 -5.59 7.61
N LEU D 49 27.92 -6.92 7.58
CA LEU D 49 28.79 -7.73 8.45
C LEU D 49 29.75 -8.61 7.68
N TYR D 50 30.82 -9.02 8.33
CA TYR D 50 31.75 -9.95 7.73
C TYR D 50 31.62 -11.25 8.45
N LEU D 51 31.73 -12.35 7.71
CA LEU D 51 31.78 -13.65 8.32
C LEU D 51 33.15 -14.17 7.98
N GLN D 52 33.85 -14.67 8.99
CA GLN D 52 35.23 -15.12 8.82
C GLN D 52 35.54 -16.44 9.51
N TRP D 53 36.53 -17.15 8.97
CA TRP D 53 36.99 -18.40 9.54
C TRP D 53 38.40 -18.67 9.06
N GLN D 54 39.07 -19.59 9.72
CA GLN D 54 40.37 -20.04 9.26
C GLN D 54 40.21 -21.47 8.82
N PRO D 55 41.14 -21.96 8.00
CA PRO D 55 41.09 -23.34 7.52
C PRO D 55 41.02 -24.34 8.67
N PRO D 56 40.48 -25.53 8.42
CA PRO D 56 40.44 -26.61 9.42
C PRO D 56 41.83 -27.24 9.60
N LEU D 57 41.89 -28.40 10.25
CA LEU D 57 43.17 -29.07 10.49
C LEU D 57 43.32 -30.40 9.69
N SER D 58 44.54 -30.67 9.23
CA SER D 58 44.80 -31.79 8.30
C SER D 58 44.48 -31.43 6.85
N GLU D 64 46.57 -31.35 0.39
CA GLU D 64 47.08 -30.67 -0.80
C GLU D 64 46.01 -30.60 -1.89
N CYS D 65 44.93 -29.88 -1.61
CA CYS D 65 43.79 -29.84 -2.52
C CYS D 65 42.88 -28.64 -2.22
N THR D 66 42.00 -28.34 -3.16
CA THR D 66 41.05 -27.23 -3.03
C THR D 66 39.89 -27.55 -2.08
N VAL D 67 39.84 -26.83 -0.96
CA VAL D 67 38.83 -27.07 0.06
C VAL D 67 37.65 -26.11 -0.03
N GLU D 68 36.41 -26.51 0.10
CA GLU D 68 35.41 -25.46 0.14
C GLU D 68 34.65 -25.52 1.40
N TYR D 69 33.75 -24.58 1.58
CA TYR D 69 33.13 -24.30 2.85
C TYR D 69 31.71 -23.95 2.51
N GLU D 70 30.78 -24.66 3.12
CA GLU D 70 29.38 -24.35 2.94
C GLU D 70 28.90 -23.58 4.14
N LEU D 71 28.49 -22.33 3.92
CA LEU D 71 28.04 -21.46 4.98
C LEU D 71 26.54 -21.24 4.87
N LYS D 72 25.84 -21.26 5.99
CA LYS D 72 24.40 -20.94 5.99
C LYS D 72 24.30 -19.87 7.05
N TYR D 73 23.55 -18.83 6.76
CA TYR D 73 23.39 -17.76 7.73
C TYR D 73 22.03 -17.07 7.55
N ARG D 74 21.62 -16.27 8.52
CA ARG D 74 20.30 -15.67 8.49
C ARG D 74 20.05 -14.82 9.72
N ASN D 75 19.07 -13.93 9.63
CA ASN D 75 18.65 -13.16 10.79
C ASN D 75 17.70 -14.01 11.61
N ILE D 76 17.92 -14.07 12.92
CA ILE D 76 17.13 -14.95 13.77
C ILE D 76 15.65 -14.61 13.71
N GLY D 77 14.84 -15.54 13.20
CA GLY D 77 13.42 -15.30 13.02
C GLY D 77 13.00 -15.54 11.58
N SER D 78 13.99 -15.70 10.72
CA SER D 78 13.77 -15.98 9.31
C SER D 78 13.71 -17.51 9.31
N GLU D 79 12.65 -18.06 8.75
CA GLU D 79 12.55 -19.51 8.69
C GLU D 79 13.49 -20.16 7.65
N THR D 80 13.89 -19.32 6.69
CA THR D 80 14.78 -19.76 5.61
C THR D 80 16.22 -19.28 5.80
N TRP D 81 17.15 -20.24 5.71
CA TRP D 81 18.56 -19.98 5.77
C TRP D 81 19.05 -19.45 4.44
N MLY D 82 20.10 -18.65 4.47
CA MLY D 82 20.85 -18.29 3.25
CB MLY D 82 21.30 -16.83 3.26
CG MLY D 82 20.13 -15.87 3.27
CD MLY D 82 20.69 -14.45 3.32
CE MLY D 82 19.62 -13.37 3.27
NZ MLY D 82 20.31 -12.08 3.38
CH1 MLY D 82 19.35 -10.98 3.17
CH2 MLY D 82 20.75 -12.05 4.78
C MLY D 82 22.01 -19.26 3.12
O MLY D 82 22.59 -19.68 4.14
N THR D 83 22.35 -19.61 1.89
CA THR D 83 23.39 -20.56 1.67
C THR D 83 24.34 -20.29 0.51
N ILE D 84 25.64 -20.30 0.81
CA ILE D 84 26.68 -20.06 -0.18
C ILE D 84 27.80 -21.05 0.03
N ILE D 85 28.55 -21.34 -1.02
CA ILE D 85 29.74 -22.17 -0.91
C ILE D 85 30.89 -21.40 -1.46
N THR D 86 32.02 -21.41 -0.76
CA THR D 86 33.15 -20.60 -1.16
C THR D 86 34.45 -21.31 -0.89
N LYS D 87 35.46 -21.07 -1.72
CA LYS D 87 36.80 -21.56 -1.38
C LYS D 87 37.52 -20.56 -0.50
N ASN D 88 36.92 -19.38 -0.33
CA ASN D 88 37.51 -18.30 0.44
C ASN D 88 37.39 -18.54 1.92
N LEU D 89 38.02 -17.67 2.71
CA LEU D 89 37.99 -17.75 4.16
C LEU D 89 37.10 -16.67 4.75
N HIS D 90 36.16 -16.19 3.98
CA HIS D 90 35.27 -15.14 4.41
C HIS D 90 34.15 -14.82 3.43
N TYR D 91 33.10 -14.14 3.91
CA TYR D 91 32.00 -13.70 3.09
C TYR D 91 31.35 -12.47 3.75
N LYS D 92 30.49 -11.76 3.04
CA LYS D 92 29.94 -10.51 3.53
C LYS D 92 28.49 -10.34 3.12
N ASP D 93 27.68 -9.76 3.99
CA ASP D 93 26.30 -9.51 3.61
C ASP D 93 25.58 -8.51 4.50
N GLY D 94 24.38 -8.14 4.08
CA GLY D 94 23.61 -7.17 4.82
C GLY D 94 22.70 -7.90 5.77
N PHE D 95 22.61 -7.41 7.01
CA PHE D 95 21.76 -8.01 8.02
C PHE D 95 20.93 -6.96 8.73
N ASP D 96 19.88 -7.44 9.39
CA ASP D 96 19.04 -6.59 10.22
C ASP D 96 19.69 -6.63 11.58
N LEU D 97 20.21 -5.51 12.04
CA LEU D 97 20.81 -5.49 13.38
C LEU D 97 19.73 -5.21 14.42
N ASN D 98 18.47 -5.22 14.00
CA ASN D 98 17.35 -5.17 14.91
C ASN D 98 17.08 -6.56 15.44
N MLY D 99 17.59 -7.55 14.71
CA MLY D 99 17.41 -8.98 14.99
CB MLY D 99 16.67 -9.59 13.78
CG MLY D 99 15.32 -8.89 13.70
CD MLY D 99 14.40 -9.19 12.50
CE MLY D 99 13.96 -10.63 12.28
NZ MLY D 99 13.06 -10.61 11.10
CH1 MLY D 99 13.77 -10.04 9.95
CH2 MLY D 99 11.88 -9.80 11.43
C MLY D 99 18.82 -9.54 15.05
O MLY D 99 19.69 -9.07 14.28
N GLY D 100 19.07 -10.51 15.91
CA GLY D 100 20.37 -11.14 15.91
C GLY D 100 20.64 -11.88 14.60
N ILE D 101 21.83 -12.45 14.50
CA ILE D 101 22.25 -13.21 13.34
C ILE D 101 22.77 -14.56 13.80
N GLU D 102 22.38 -15.62 13.12
CA GLU D 102 23.01 -16.90 13.39
C GLU D 102 23.67 -17.41 12.12
N ALA D 103 24.79 -18.10 12.29
CA ALA D 103 25.49 -18.69 11.17
C ALA D 103 26.09 -20.05 11.53
N LYS D 104 26.00 -20.99 10.59
CA LYS D 104 26.67 -22.28 10.76
C LYS D 104 27.45 -22.54 9.49
N ILE D 105 28.56 -23.27 9.62
CA ILE D 105 29.43 -23.57 8.49
C ILE D 105 30.17 -24.89 8.68
N HIS D 106 30.40 -25.64 7.61
CA HIS D 106 31.19 -26.87 7.69
C HIS D 106 32.20 -27.01 6.55
N THR D 107 33.31 -27.72 6.78
CA THR D 107 34.30 -27.92 5.74
C THR D 107 33.73 -28.98 4.84
N LEU D 108 34.14 -28.90 3.59
CA LEU D 108 33.65 -29.71 2.53
C LEU D 108 34.83 -30.17 1.78
N LEU D 109 34.88 -31.42 1.45
CA LEU D 109 36.02 -31.94 0.73
C LEU D 109 35.55 -32.53 -0.58
N PRO D 110 36.07 -32.03 -1.71
CA PRO D 110 35.60 -32.56 -2.99
C PRO D 110 35.95 -34.02 -3.09
N TRP D 111 35.27 -34.73 -3.97
CA TRP D 111 35.59 -36.13 -4.17
C TRP D 111 36.91 -36.30 -4.92
N GLN D 112 37.43 -35.22 -5.51
CA GLN D 112 38.75 -35.27 -6.14
C GLN D 112 39.84 -35.35 -5.08
N CYS D 113 39.71 -34.55 -4.03
CA CYS D 113 40.58 -34.67 -2.87
C CYS D 113 40.50 -36.12 -2.38
N THR D 114 39.27 -36.56 -2.13
CA THR D 114 39.02 -37.84 -1.50
C THR D 114 39.65 -38.93 -2.36
N ASN D 115 39.48 -38.80 -3.67
CA ASN D 115 39.65 -39.91 -4.60
C ASN D 115 38.50 -40.94 -4.42
N GLY D 116 37.76 -40.76 -3.34
CA GLY D 116 36.53 -41.49 -3.10
C GLY D 116 35.37 -40.50 -2.99
N SER D 117 34.34 -40.84 -2.20
CA SER D 117 33.15 -39.98 -2.06
C SER D 117 33.45 -38.61 -1.42
N GLU D 118 32.44 -37.76 -1.35
CA GLU D 118 32.58 -36.41 -0.82
C GLU D 118 32.44 -36.36 0.70
N VAL D 119 33.53 -36.04 1.38
CA VAL D 119 33.54 -35.99 2.84
C VAL D 119 33.36 -34.55 3.36
N GLN D 120 32.65 -34.42 4.48
CA GLN D 120 32.35 -33.10 5.02
C GLN D 120 32.38 -33.10 6.55
N SER D 121 32.84 -31.99 7.12
CA SER D 121 32.96 -31.84 8.56
C SER D 121 31.73 -31.49 9.37
N SER D 122 31.92 -31.25 10.65
CA SER D 122 30.81 -30.84 11.50
C SER D 122 30.45 -29.38 11.43
N TRP D 123 29.20 -29.04 11.74
CA TRP D 123 28.77 -27.65 11.64
C TRP D 123 29.53 -26.95 12.75
N ALA D 124 30.11 -25.80 12.43
CA ALA D 124 30.62 -24.90 13.47
C ALA D 124 29.67 -23.75 13.65
N GLU D 125 29.25 -23.43 14.85
CA GLU D 125 28.29 -22.39 14.93
C GLU D 125 28.71 -21.19 15.71
N THR D 126 28.17 -20.05 15.32
CA THR D 126 28.44 -18.77 15.94
C THR D 126 27.22 -17.87 15.79
N THR D 127 27.13 -16.85 16.64
CA THR D 127 26.09 -15.85 16.55
C THR D 127 26.65 -14.46 16.77
N TYR D 128 25.91 -13.45 16.33
CA TYR D 128 26.24 -12.06 16.64
C TYR D 128 24.97 -11.22 16.76
N TRP D 129 24.95 -10.36 17.75
CA TRP D 129 23.89 -9.42 17.88
C TRP D 129 24.40 -8.25 18.66
N ILE D 130 23.67 -7.16 18.57
CA ILE D 130 24.03 -5.95 19.22
C ILE D 130 23.36 -6.02 20.54
N SER D 131 24.12 -5.73 21.59
CA SER D 131 23.63 -5.83 22.95
C SER D 131 22.45 -4.91 23.20
N PRO D 132 21.26 -5.33 22.76
CA PRO D 132 20.07 -4.56 22.97
C PRO D 132 20.30 -3.73 24.16
N GLN D 133 19.85 -2.49 24.21
CA GLN D 133 20.29 -1.56 25.23
C GLN D 133 19.30 -0.82 26.06
N GLY D 134 18.02 -1.00 25.86
CA GLY D 134 17.08 -0.33 26.72
C GLY D 134 15.83 -1.14 26.64
N ILE D 135 14.69 -0.49 26.78
CA ILE D 135 13.51 -1.20 26.39
C ILE D 135 13.24 -0.88 24.96
N PRO D 136 12.48 -1.74 24.35
CA PRO D 136 12.15 -1.63 22.96
C PRO D 136 11.11 -0.63 22.78
N GLU D 137 11.00 0.27 23.71
CA GLU D 137 9.90 1.20 23.71
C GLU D 137 10.55 2.54 23.77
N THR D 138 11.85 2.49 23.77
CA THR D 138 12.66 3.68 23.57
C THR D 138 12.94 3.79 22.07
N LYS D 139 12.82 2.66 21.37
CA LYS D 139 12.93 2.65 19.92
C LYS D 139 12.09 3.79 19.39
N VAL D 140 12.69 4.55 18.49
CA VAL D 140 11.97 5.64 17.87
C VAL D 140 10.99 5.08 16.83
N GLN D 141 9.89 5.77 16.60
CA GLN D 141 8.79 5.18 15.85
C GLN D 141 8.48 5.82 14.53
N ASP D 142 7.74 5.08 13.72
CA ASP D 142 7.17 5.59 12.48
C ASP D 142 8.18 5.98 11.42
N MET D 143 9.44 5.59 11.59
CA MET D 143 10.50 5.93 10.64
C MET D 143 10.02 5.96 9.20
N ASP D 144 10.32 7.06 8.52
CA ASP D 144 9.79 7.29 7.18
C ASP D 144 10.82 7.98 6.32
N CYS D 145 11.01 7.45 5.12
CA CYS D 145 11.98 8.02 4.21
C CYS D 145 11.43 8.30 2.82
N VAL D 146 11.93 9.36 2.20
CA VAL D 146 11.65 9.65 0.81
C VAL D 146 12.89 10.28 0.19
N TYR D 147 13.18 9.86 -1.04
CA TYR D 147 14.29 10.44 -1.83
C TYR D 147 13.63 11.37 -2.84
N TYR D 148 13.57 12.65 -2.50
CA TYR D 148 12.85 13.61 -3.30
C TYR D 148 13.53 13.92 -4.64
N ASN D 149 12.83 13.59 -5.73
CA ASN D 149 13.37 13.77 -7.07
C ASN D 149 14.74 13.13 -7.22
N TRP D 150 14.90 11.93 -6.67
CA TRP D 150 16.16 11.23 -6.76
C TRP D 150 17.30 12.20 -6.44
N GLN D 151 17.06 13.13 -5.53
CA GLN D 151 17.97 14.25 -5.36
C GLN D 151 18.28 14.58 -3.90
N TYR D 152 17.23 14.78 -3.12
CA TYR D 152 17.41 15.12 -1.72
C TYR D 152 16.74 14.06 -0.88
N LEU D 153 17.48 13.54 0.09
CA LEU D 153 16.90 12.53 0.97
C LEU D 153 16.52 13.16 2.29
N LEU D 154 15.42 12.70 2.85
CA LEU D 154 14.84 13.28 4.05
C LEU D 154 14.20 12.13 4.81
N CYS D 155 14.48 12.05 6.11
CA CYS D 155 13.89 11.03 6.98
C CYS D 155 13.10 11.61 8.14
N SER D 156 12.06 10.90 8.56
CA SER D 156 11.18 11.32 9.63
C SER D 156 10.75 10.28 10.64
N TRP D 157 10.71 10.64 11.92
CA TRP D 157 10.35 9.67 12.93
C TRP D 157 9.75 10.30 14.18
N LYS D 158 9.17 9.45 15.03
CA LYS D 158 8.62 9.88 16.32
C LYS D 158 9.33 9.13 17.45
N PRO D 159 9.34 9.71 18.67
CA PRO D 159 10.06 9.17 19.82
C PRO D 159 9.37 8.03 20.60
N GLY D 160 9.93 7.75 21.78
CA GLY D 160 9.39 6.76 22.70
C GLY D 160 10.26 6.62 23.94
N LEU D 165 11.43 10.77 30.05
CA LEU D 165 12.19 11.99 30.34
C LEU D 165 12.53 12.81 29.10
N ASP D 166 13.59 13.60 29.17
CA ASP D 166 14.07 14.35 28.02
C ASP D 166 15.27 13.73 27.36
N THR D 167 15.11 13.40 26.08
CA THR D 167 16.11 12.62 25.37
C THR D 167 16.43 13.16 23.99
N ASN D 168 17.59 12.75 23.49
CA ASN D 168 18.06 13.11 22.16
C ASN D 168 18.32 11.90 21.27
N TYR D 169 18.14 12.08 19.96
CA TYR D 169 18.39 11.02 19.00
C TYR D 169 19.44 11.41 17.97
N ASN D 170 20.16 10.43 17.44
CA ASN D 170 21.19 10.68 16.45
C ASN D 170 20.98 9.81 15.21
N LEU D 171 21.25 10.37 14.02
CA LEU D 171 21.15 9.56 12.81
C LEU D 171 22.51 9.27 12.20
N PHE D 172 22.75 8.00 11.91
CA PHE D 172 23.97 7.61 11.21
C PHE D 172 23.64 6.73 10.01
N TYR D 173 24.36 6.92 8.92
CA TYR D 173 24.07 6.14 7.74
C TYR D 173 25.35 5.69 7.09
N TRP D 174 25.27 4.60 6.33
CA TRP D 174 26.42 4.12 5.57
C TRP D 174 26.03 3.32 4.34
N TYR D 175 26.90 3.36 3.32
CA TYR D 175 26.73 2.54 2.12
C TYR D 175 28.12 2.41 1.48
N GLU D 176 28.42 1.24 0.93
CA GLU D 176 29.77 1.00 0.42
C GLU D 176 30.26 2.19 -0.37
N GLY D 177 31.53 2.51 -0.20
CA GLY D 177 32.08 3.73 -0.77
C GLY D 177 32.59 4.57 0.37
N LEU D 178 31.73 4.78 1.37
CA LEU D 178 32.07 5.48 2.60
C LEU D 178 33.10 4.72 3.42
N ASP D 179 34.11 5.43 3.92
CA ASP D 179 35.12 4.84 4.78
C ASP D 179 34.50 4.35 6.07
N HIS D 180 33.50 5.09 6.53
CA HIS D 180 32.87 4.82 7.82
C HIS D 180 31.47 5.41 7.83
N ALA D 181 30.72 5.14 8.89
CA ALA D 181 29.37 5.65 9.00
C ALA D 181 29.32 7.15 9.34
N LEU D 182 28.40 7.87 8.72
CA LEU D 182 28.35 9.30 8.95
C LEU D 182 27.10 9.69 9.71
N GLN D 183 27.21 10.71 10.54
CA GLN D 183 26.06 11.24 11.21
C GLN D 183 25.49 12.39 10.41
N CYS D 184 24.19 12.58 10.52
CA CYS D 184 23.49 13.65 9.85
C CYS D 184 23.99 15.01 10.37
N VAL D 185 24.10 15.96 9.46
CA VAL D 185 24.55 17.30 9.82
C VAL D 185 23.36 18.22 10.03
N ASP D 186 22.54 18.32 8.99
CA ASP D 186 21.35 19.16 9.01
C ASP D 186 20.14 18.40 9.56
N TYR D 187 19.99 18.40 10.88
CA TYR D 187 18.86 17.74 11.52
C TYR D 187 17.54 18.46 11.32
N ILE D 188 16.45 17.82 11.72
CA ILE D 188 15.15 18.48 11.76
C ILE D 188 14.66 18.41 13.19
N LYS D 189 14.86 19.50 13.94
CA LYS D 189 14.44 19.57 15.33
C LYS D 189 12.95 19.86 15.48
N ALA D 190 12.42 19.56 16.65
CA ALA D 190 11.05 19.89 17.00
C ALA D 190 10.89 19.64 18.49
N ASP D 191 10.31 20.61 19.19
CA ASP D 191 10.34 20.63 20.65
C ASP D 191 11.79 20.49 21.11
N GLY D 192 12.69 21.12 20.37
CA GLY D 192 14.11 20.97 20.63
C GLY D 192 14.54 19.51 20.72
N GLN D 193 14.13 18.73 19.73
CA GLN D 193 14.43 17.31 19.71
C GLN D 193 14.57 16.86 18.28
N ASN D 194 15.65 16.14 17.97
CA ASN D 194 15.86 15.71 16.59
C ASN D 194 14.80 14.69 16.11
N ILE D 195 14.09 15.00 15.04
CA ILE D 195 13.07 14.08 14.55
C ILE D 195 13.12 13.86 13.03
N GLY D 196 14.12 14.45 12.40
CA GLY D 196 14.33 14.25 10.99
C GLY D 196 15.77 14.48 10.67
N CYS D 197 16.12 14.29 9.40
CA CYS D 197 17.45 14.59 8.92
C CYS D 197 17.32 14.92 7.44
N ARG D 198 18.06 15.92 7.00
CA ARG D 198 18.13 16.28 5.60
C ARG D 198 19.53 15.90 5.15
N PHE D 199 19.64 14.94 4.24
CA PHE D 199 20.94 14.38 3.91
C PHE D 199 21.66 15.36 3.03
N PRO D 200 22.99 15.28 3.03
CA PRO D 200 23.91 15.85 2.05
C PRO D 200 23.69 15.25 0.69
N TYR D 201 24.54 15.61 -0.26
CA TYR D 201 24.43 14.98 -1.56
C TYR D 201 24.99 13.58 -1.38
N LEU D 202 24.21 12.56 -1.71
CA LEU D 202 24.74 11.20 -1.64
C LEU D 202 25.26 10.77 -3.02
N GLU D 203 26.57 10.83 -3.22
CA GLU D 203 27.14 10.46 -4.52
C GLU D 203 27.29 8.97 -4.64
N ALA D 204 26.93 8.43 -5.81
CA ALA D 204 27.01 7.00 -6.08
C ALA D 204 26.42 6.15 -4.95
N SER D 205 25.14 6.41 -4.65
CA SER D 205 24.49 5.86 -3.45
C SER D 205 23.24 5.00 -3.74
N ASP D 206 22.78 5.02 -4.99
CA ASP D 206 21.66 4.19 -5.39
C ASP D 206 22.15 2.84 -5.94
N TYR D 207 21.22 1.91 -6.16
CA TYR D 207 21.56 0.56 -6.61
C TYR D 207 22.58 -0.14 -5.69
N LYS D 208 22.37 0.02 -4.38
CA LYS D 208 23.16 -0.64 -3.35
C LYS D 208 22.48 -0.43 -1.99
N ASP D 209 22.68 -1.36 -1.07
CA ASP D 209 22.05 -1.27 0.25
C ASP D 209 22.45 -0.02 0.99
N PHE D 210 21.46 0.65 1.57
CA PHE D 210 21.68 1.89 2.31
C PHE D 210 21.28 1.64 3.76
N TYR D 211 22.21 1.88 4.68
CA TYR D 211 21.97 1.55 6.07
C TYR D 211 21.77 2.78 6.96
N ILE D 212 20.84 2.70 7.89
CA ILE D 212 20.62 3.80 8.81
C ILE D 212 20.49 3.33 10.25
N CYS D 213 21.21 3.97 11.16
CA CYS D 213 21.02 3.73 12.59
C CYS D 213 20.69 4.99 13.41
N VAL D 214 19.63 4.88 14.18
CA VAL D 214 19.13 5.99 14.97
C VAL D 214 19.45 5.76 16.45
N ASN D 215 20.62 6.25 16.87
CA ASN D 215 21.08 6.17 18.24
C ASN D 215 20.14 6.92 19.13
N GLY D 216 20.49 7.00 20.40
CA GLY D 216 19.75 7.79 21.35
C GLY D 216 20.47 7.71 22.69
N SER D 217 20.20 8.67 23.58
CA SER D 217 20.58 8.53 24.98
C SER D 217 19.62 9.34 25.82
N SER D 218 19.82 9.29 27.13
CA SER D 218 19.02 10.05 28.07
C SER D 218 19.83 10.19 29.34
N GLU D 219 20.19 11.42 29.69
CA GLU D 219 21.14 11.67 30.76
C GLU D 219 22.46 11.02 30.35
N ASN D 220 22.97 10.14 31.21
CA ASN D 220 24.07 9.27 30.81
C ASN D 220 23.52 7.86 30.64
N LYS D 221 22.33 7.76 30.04
CA LYS D 221 21.62 6.50 29.93
C LYS D 221 21.10 6.23 28.51
N PRO D 222 21.83 5.43 27.74
CA PRO D 222 21.43 5.12 26.36
C PRO D 222 20.06 4.47 26.26
N ILE D 223 19.60 4.25 25.04
CA ILE D 223 18.31 3.63 24.76
C ILE D 223 18.29 2.90 23.41
N ARG D 224 17.20 2.21 23.14
CA ARG D 224 17.11 1.28 22.01
C ARG D 224 17.30 1.86 20.60
N SER D 225 18.45 1.54 20.01
CA SER D 225 18.75 1.85 18.63
C SER D 225 17.79 1.18 17.67
N SER D 226 17.36 1.92 16.65
CA SER D 226 16.66 1.30 15.52
C SER D 226 17.62 1.24 14.35
N TYR D 227 17.43 0.27 13.49
CA TYR D 227 18.26 0.15 12.31
C TYR D 227 17.30 0.04 11.16
N PHE D 228 17.71 0.55 10.01
CA PHE D 228 16.89 0.45 8.82
C PHE D 228 17.79 0.22 7.63
N THR D 229 17.29 -0.54 6.66
CA THR D 229 17.98 -0.69 5.40
C THR D 229 17.10 -0.62 4.19
N PHE D 230 17.64 -0.04 3.11
CA PHE D 230 16.90 0.09 1.86
C PHE D 230 17.82 0.55 0.73
N GLN D 231 17.23 0.67 -0.46
CA GLN D 231 17.94 1.15 -1.63
C GLN D 231 17.16 2.34 -2.21
N LEU D 232 17.86 3.48 -2.25
CA LEU D 232 17.27 4.76 -2.60
C LEU D 232 16.43 4.80 -3.87
N GLN D 233 16.85 4.09 -4.91
CA GLN D 233 16.07 4.06 -6.14
C GLN D 233 14.64 3.56 -5.95
N ASN D 234 14.35 2.89 -4.82
CA ASN D 234 13.04 2.29 -4.60
C ASN D 234 12.03 3.09 -3.81
N ILE D 235 12.36 4.33 -3.53
CA ILE D 235 11.64 5.11 -2.54
C ILE D 235 11.62 6.60 -3.01
N VAL D 236 11.66 6.74 -4.34
CA VAL D 236 11.75 8.03 -5.01
C VAL D 236 10.33 8.56 -5.27
N LYS D 237 10.06 9.73 -4.72
CA LYS D 237 8.91 10.55 -5.11
C LYS D 237 9.41 11.68 -6.01
N PRO D 238 9.11 11.59 -7.32
CA PRO D 238 9.60 12.57 -8.29
C PRO D 238 8.86 13.90 -8.20
N LEU D 239 9.22 14.82 -9.09
CA LEU D 239 8.46 16.05 -9.25
C LEU D 239 7.36 15.86 -10.28
N PRO D 240 6.30 16.66 -10.19
CA PRO D 240 5.23 16.50 -11.17
C PRO D 240 5.74 16.92 -12.54
N PRO D 241 5.18 16.34 -13.61
CA PRO D 241 5.56 16.66 -14.99
C PRO D 241 5.14 18.09 -15.35
N VAL D 242 5.90 18.73 -16.22
CA VAL D 242 5.68 20.14 -16.59
C VAL D 242 5.47 20.37 -18.09
N TYR D 243 5.18 21.63 -18.43
CA TYR D 243 4.92 22.05 -19.80
C TYR D 243 3.86 21.22 -20.52
N LEU D 244 2.67 21.15 -19.93
CA LEU D 244 1.57 20.41 -20.52
C LEU D 244 1.03 21.16 -21.73
N THR D 245 0.82 20.47 -22.85
CA THR D 245 0.37 21.14 -24.07
C THR D 245 -0.59 20.33 -24.92
N PHE D 246 -1.53 21.04 -25.53
CA PHE D 246 -2.45 20.42 -26.49
C PHE D 246 -1.94 20.70 -27.91
N THR D 247 -2.11 19.75 -28.83
CA THR D 247 -1.74 19.94 -30.22
C THR D 247 -2.85 19.46 -31.14
N ARG D 248 -3.05 20.13 -32.28
CA ARG D 248 -4.09 19.73 -33.23
C ARG D 248 -3.55 18.97 -34.45
N GLU D 253 -8.06 13.18 -34.26
CA GLU D 253 -6.96 12.90 -33.35
C GLU D 253 -6.29 14.17 -32.81
N ILE D 254 -6.11 14.25 -31.49
CA ILE D 254 -5.35 15.35 -30.86
C ILE D 254 -4.15 14.88 -29.99
N LYS D 255 -2.91 15.21 -30.37
CA LYS D 255 -1.72 14.62 -29.76
C LYS D 255 -1.41 15.21 -28.43
N LEU D 256 -2.32 15.03 -27.48
CA LEU D 256 -2.10 15.56 -26.12
C LEU D 256 -0.84 15.11 -25.36
N LYS D 257 0.08 16.05 -25.12
CA LYS D 257 1.43 15.74 -24.66
C LYS D 257 1.99 16.69 -23.60
N TRP D 258 3.03 16.23 -22.90
CA TRP D 258 3.63 16.96 -21.78
C TRP D 258 5.09 16.59 -21.65
N SER D 259 5.75 17.06 -20.59
CA SER D 259 7.19 16.85 -20.50
C SER D 259 7.76 16.67 -19.09
N ILE D 260 8.91 16.07 -19.01
CA ILE D 260 9.47 15.67 -17.75
C ILE D 260 9.88 16.83 -16.88
N PRO D 261 9.79 16.63 -15.58
CA PRO D 261 10.08 17.71 -14.65
C PRO D 261 11.57 18.03 -14.60
N LEU D 262 11.96 18.92 -13.70
CA LEU D 262 13.37 19.31 -13.60
C LEU D 262 14.15 18.47 -12.59
N GLY D 263 15.14 17.72 -13.07
CA GLY D 263 15.90 16.85 -12.19
C GLY D 263 16.80 15.88 -12.93
N PRO D 264 17.35 14.89 -12.20
CA PRO D 264 18.40 13.99 -12.66
C PRO D 264 17.82 12.77 -13.37
N ILE D 265 16.55 12.51 -13.09
CA ILE D 265 15.85 11.34 -13.61
C ILE D 265 15.67 11.46 -15.10
N PRO D 266 16.14 10.45 -15.84
CA PRO D 266 15.94 10.40 -17.29
C PRO D 266 14.48 10.22 -17.58
N ALA D 267 14.07 10.20 -18.84
CA ALA D 267 12.67 10.06 -19.15
C ALA D 267 12.32 8.59 -19.10
N ARG D 268 13.30 7.74 -19.42
CA ARG D 268 13.07 6.30 -19.48
C ARG D 268 12.55 5.74 -18.15
N CYS D 269 12.88 6.42 -17.07
CA CYS D 269 12.61 5.89 -15.75
C CYS D 269 11.20 6.19 -15.30
N PHE D 270 10.39 6.70 -16.21
CA PHE D 270 9.11 7.24 -15.81
C PHE D 270 7.88 6.50 -16.31
N ASP D 271 6.93 6.31 -15.40
CA ASP D 271 5.60 5.92 -15.76
C ASP D 271 4.69 7.11 -15.49
N TYR D 272 3.75 7.39 -16.39
CA TYR D 272 2.82 8.50 -16.17
C TYR D 272 1.42 7.98 -16.03
N GLU D 273 0.66 8.66 -15.18
CA GLU D 273 -0.76 8.40 -15.00
C GLU D 273 -1.46 9.67 -15.48
N ILE D 274 -2.41 9.54 -16.39
CA ILE D 274 -3.05 10.70 -17.00
C ILE D 274 -4.57 10.77 -16.77
N GLU D 275 -5.06 11.95 -16.42
CA GLU D 275 -6.47 12.14 -16.13
C GLU D 275 -7.02 13.23 -17.05
N ILE D 276 -7.97 12.87 -17.89
CA ILE D 276 -8.51 13.74 -18.93
C ILE D 276 -10.00 13.97 -18.80
N ARG D 277 -10.49 15.19 -18.95
CA ARG D 277 -11.91 15.41 -18.80
C ARG D 277 -12.66 16.08 -19.92
N GLU D 278 -13.95 15.84 -20.07
CA GLU D 278 -14.72 16.65 -20.98
C GLU D 278 -15.66 17.49 -20.20
N ASP D 279 -15.33 18.78 -20.09
CA ASP D 279 -16.06 19.68 -19.21
C ASP D 279 -15.96 19.09 -17.82
N ASP D 280 -17.06 19.05 -17.09
CA ASP D 280 -17.10 18.28 -15.87
C ASP D 280 -17.24 16.77 -15.93
N THR D 281 -16.38 16.07 -16.64
CA THR D 281 -16.42 14.62 -16.61
C THR D 281 -15.20 13.97 -17.20
N THR D 282 -14.64 13.02 -16.47
CA THR D 282 -13.44 12.33 -16.86
C THR D 282 -13.67 11.44 -18.05
N LEU D 283 -13.15 11.88 -19.17
CA LEU D 283 -13.26 11.16 -20.43
C LEU D 283 -12.35 9.95 -20.37
N VAL D 284 -11.11 10.16 -19.92
CA VAL D 284 -10.15 9.06 -19.80
C VAL D 284 -9.20 9.13 -18.59
N THR D 285 -8.89 7.96 -18.03
CA THR D 285 -7.91 7.80 -16.96
C THR D 285 -6.96 6.72 -17.47
N ALA D 286 -5.66 6.95 -17.38
CA ALA D 286 -4.74 6.00 -18.00
C ALA D 286 -3.31 6.09 -17.48
N THR D 287 -2.56 5.03 -17.75
CA THR D 287 -1.12 4.99 -17.54
C THR D 287 -0.48 5.00 -18.92
N VAL D 288 0.74 5.50 -19.04
CA VAL D 288 1.43 5.53 -20.33
C VAL D 288 2.95 5.44 -20.16
N GLU D 289 3.61 4.93 -21.19
CA GLU D 289 5.04 4.65 -21.14
C GLU D 289 5.88 5.84 -21.59
N ASN D 290 5.25 6.74 -22.32
CA ASN D 290 5.93 7.89 -22.89
C ASN D 290 5.05 9.15 -22.89
N GLU D 291 5.69 10.30 -23.12
CA GLU D 291 5.10 11.62 -22.83
C GLU D 291 4.05 12.12 -23.82
N THR D 292 3.47 11.21 -24.61
CA THR D 292 2.43 11.61 -25.54
C THR D 292 1.16 10.79 -25.30
N TYR D 293 0.05 11.26 -25.86
CA TYR D 293 -1.21 10.57 -25.72
C TYR D 293 -2.21 11.19 -26.68
N THR D 294 -2.81 10.36 -27.53
CA THR D 294 -3.70 10.87 -28.58
C THR D 294 -5.18 10.74 -28.20
N LEU D 295 -6.01 11.66 -28.70
CA LEU D 295 -7.42 11.70 -28.34
C LEU D 295 -8.33 11.95 -29.56
N LYS D 296 -9.65 11.83 -29.37
CA LYS D 296 -10.59 11.75 -30.49
C LYS D 296 -11.12 13.09 -31.04
N THR D 297 -10.93 13.30 -32.34
CA THR D 297 -11.46 14.49 -33.03
C THR D 297 -12.98 14.44 -33.15
N ARG D 302 -17.01 18.84 -25.80
CA ARG D 302 -16.97 20.02 -24.95
C ARG D 302 -15.55 20.59 -24.88
N GLN D 303 -15.18 21.14 -23.72
CA GLN D 303 -13.83 21.69 -23.55
C GLN D 303 -12.92 20.78 -22.74
N LEU D 304 -11.64 20.77 -23.11
CA LEU D 304 -10.70 19.75 -22.65
C LEU D 304 -9.65 20.23 -21.65
N CYS D 305 -9.62 19.61 -20.48
CA CYS D 305 -8.53 19.82 -19.53
C CYS D 305 -7.83 18.48 -19.29
N PHE D 306 -6.58 18.52 -18.82
CA PHE D 306 -5.90 17.27 -18.46
C PHE D 306 -4.78 17.52 -17.48
N VAL D 307 -4.50 16.52 -16.65
CA VAL D 307 -3.49 16.61 -15.60
C VAL D 307 -2.65 15.35 -15.67
N VAL D 308 -1.45 15.38 -15.12
CA VAL D 308 -0.53 14.26 -15.24
C VAL D 308 0.34 14.01 -13.99
N ARG D 309 0.45 12.74 -13.63
CA ARG D 309 1.23 12.28 -12.49
C ARG D 309 2.44 11.48 -12.99
N SER D 310 3.39 11.20 -12.11
CA SER D 310 4.54 10.38 -12.49
C SER D 310 5.02 9.44 -11.38
N LYS D 311 5.90 8.52 -11.74
CA LYS D 311 6.43 7.54 -10.80
C LYS D 311 7.55 6.76 -11.49
N VAL D 312 8.59 6.35 -10.77
CA VAL D 312 9.70 5.68 -11.43
C VAL D 312 9.19 4.31 -11.85
N ASN D 313 9.49 3.86 -13.07
CA ASN D 313 8.96 2.58 -13.49
C ASN D 313 9.80 1.43 -12.96
N ILE D 314 9.48 0.21 -13.38
CA ILE D 314 10.22 -0.93 -12.86
C ILE D 314 11.35 -1.37 -13.75
N TYR D 315 11.81 -0.47 -14.61
CA TYR D 315 13.04 -0.74 -15.35
C TYR D 315 14.14 -0.05 -14.56
N CYS D 316 13.73 0.87 -13.70
CA CYS D 316 14.69 1.67 -12.95
C CYS D 316 14.63 1.44 -11.43
N SER D 317 13.48 1.01 -10.92
CA SER D 317 13.35 0.69 -9.50
C SER D 317 12.46 -0.55 -9.26
N ASP D 318 12.20 -0.88 -7.99
CA ASP D 318 11.32 -2.00 -7.63
C ASP D 318 10.02 -1.48 -7.05
N ASP D 319 10.08 -0.31 -6.45
CA ASP D 319 8.88 0.34 -5.96
C ASP D 319 8.99 1.85 -6.23
N GLY D 320 8.01 2.60 -5.78
CA GLY D 320 8.02 4.04 -5.97
C GLY D 320 6.84 4.75 -5.35
N ILE D 321 7.07 6.00 -4.95
CA ILE D 321 5.99 6.90 -4.58
C ILE D 321 5.59 7.71 -5.82
N TRP D 322 4.29 7.99 -5.96
CA TRP D 322 3.82 8.81 -7.07
C TRP D 322 4.24 10.26 -6.88
N SER D 323 4.36 10.99 -7.98
CA SER D 323 4.60 12.42 -7.91
C SER D 323 3.29 13.08 -7.58
N GLU D 324 3.35 14.33 -7.16
CA GLU D 324 2.12 15.08 -7.01
C GLU D 324 1.57 15.20 -8.42
N TRP D 325 0.30 15.54 -8.56
CA TRP D 325 -0.24 15.83 -9.88
C TRP D 325 0.22 17.21 -10.34
N SER D 326 0.21 17.43 -11.65
CA SER D 326 0.55 18.73 -12.21
C SER D 326 -0.67 19.64 -12.20
N ASP D 327 -0.53 20.81 -12.83
CA ASP D 327 -1.64 21.76 -12.93
C ASP D 327 -2.54 21.31 -14.08
N LYS D 328 -3.75 21.87 -14.14
CA LYS D 328 -4.58 21.80 -15.33
C LYS D 328 -3.89 22.25 -16.62
N GLN D 329 -4.41 21.80 -17.75
CA GLN D 329 -4.02 22.32 -19.04
C GLN D 329 -5.22 22.14 -19.94
N CYS D 330 -5.73 23.24 -20.49
CA CYS D 330 -7.08 23.23 -21.08
C CYS D 330 -7.18 23.55 -22.58
N TRP D 331 -8.35 24.03 -23.00
CA TRP D 331 -8.64 24.31 -24.42
C TRP D 331 -8.09 23.24 -25.36
C1 NAG E . -12.81 16.55 23.97
C2 NAG E . -11.47 16.70 24.71
C3 NAG E . -10.23 16.80 23.84
C4 NAG E . -10.33 16.07 22.51
C5 NAG E . -11.69 16.32 21.88
C6 NAG E . -11.81 15.59 20.56
C7 NAG E . -12.12 17.91 26.71
C8 NAG E . -12.25 19.25 27.36
N2 NAG E . -11.57 17.91 25.50
O3 NAG E . -9.12 16.25 24.52
O4 NAG E . -9.26 16.51 21.70
O5 NAG E . -12.69 15.85 22.75
O6 NAG E . -11.69 14.21 20.83
O7 NAG E . -12.51 16.88 27.26
CA CA F . -18.63 1.27 8.59
C1 NAG G . 25.68 5.57 17.63
C2 NAG G . 26.83 6.11 18.49
C3 NAG G . 28.12 6.46 17.74
C4 NAG G . 28.34 5.61 16.49
C5 NAG G . 27.04 5.50 15.71
C6 NAG G . 27.24 4.77 14.39
C7 NAG G . 25.46 7.17 20.14
C8 NAG G . 24.61 8.39 20.42
N2 NAG G . 26.35 7.30 19.16
O3 NAG G . 29.22 6.27 18.61
O4 NAG G . 29.37 6.16 15.69
O5 NAG G . 26.09 4.82 16.51
O6 NAG G . 27.95 3.56 14.62
O7 NAG G . 25.33 6.13 20.79
CA CA H . 22.28 -8.97 -0.05
#